data_4RLH
#
_entry.id   4RLH
#
_cell.length_a   134.795
_cell.length_b   63.445
_cell.length_c   121.848
_cell.angle_alpha   90.00
_cell.angle_beta   107.08
_cell.angle_gamma   90.00
#
_symmetry.space_group_name_H-M   'C 1 2 1'
#
loop_
_entity.id
_entity.type
_entity.pdbx_description
1 polymer 'Enoyl-[acyl-carrier-protein] reductase [NADH]'
2 non-polymer N-methyl-N-[(3-methyl-1-benzofuran-2-yl)methyl]-3-(7-oxo-5,6,7,8-tetrahydro-1,8-naphthyridin-3-yl)propanamide
3 water water
#
_entity_poly.entity_id   1
_entity_poly.type   'polypeptide(L)'
_entity_poly.pdbx_seq_one_letter_code
;HMAHHHHHHMGFLDGKRILLTGLLSNRSIAYGIAKACKREGAELAFTYVGDRFKDRITEFAAEFGSELVFPCDVADDAQI
DALFASLKTHWDSLDGLVHSIGFAPREAIAGDFLDGLTRENFRIAHDISAYSFPALAKAALPMLSDDASLLTLSYLGAER
AIPNYNTMGLAKAALEASVRYLAVSLGAKGVRVNAISAGPIKTLAASGIKSFGKILDFVESNSPLKRNVTIEQVGNAGAF
LLSDLASGVTAEVMHVDSGFNAVVGGMAGLEE
;
_entity_poly.pdbx_strand_id   A,B,D,C
#
# COMPACT_ATOMS: atom_id res chain seq x y z
N MET A 10 -1.54 27.14 27.99
CA MET A 10 -0.30 26.38 27.55
C MET A 10 -0.62 25.08 26.79
N GLY A 11 -1.85 24.93 26.26
CA GLY A 11 -2.22 23.76 25.44
C GLY A 11 -1.45 23.73 24.11
N PHE A 12 -1.48 22.61 23.38
CA PHE A 12 -0.56 22.49 22.22
C PHE A 12 -1.01 23.18 20.92
N LEU A 13 -2.19 23.80 20.92
CA LEU A 13 -2.64 24.62 19.78
C LEU A 13 -2.82 26.09 20.20
N ASP A 14 -2.12 26.48 21.27
CA ASP A 14 -2.22 27.83 21.81
C ASP A 14 -2.06 28.91 20.75
N GLY A 15 -3.01 29.83 20.69
CA GLY A 15 -2.95 30.96 19.74
C GLY A 15 -3.32 30.63 18.30
N LYS A 16 -3.50 29.34 17.99
CA LYS A 16 -3.61 28.93 16.60
C LYS A 16 -5.03 29.22 16.13
N ARG A 17 -5.16 29.75 14.93
CA ARG A 17 -6.47 30.08 14.39
C ARG A 17 -6.96 29.08 13.34
N ILE A 18 -8.06 28.40 13.62
CA ILE A 18 -8.45 27.25 12.83
C ILE A 18 -9.89 27.31 12.34
N LEU A 19 -10.08 27.15 11.02
CA LEU A 19 -11.41 27.13 10.38
C LEU A 19 -11.90 25.69 10.14
N LEU A 20 -13.14 25.41 10.54
CA LEU A 20 -13.73 24.08 10.39
C LEU A 20 -15.00 24.13 9.58
N THR A 21 -15.07 23.20 8.64
CA THR A 21 -16.21 22.97 7.78
C THR A 21 -16.90 21.69 8.27
N GLY A 22 -18.18 21.57 7.95
CA GLY A 22 -18.86 20.32 8.19
C GLY A 22 -19.30 20.12 9.60
N LEU A 23 -19.41 21.17 10.42
CA LEU A 23 -19.97 20.92 11.74
C LEU A 23 -21.50 20.95 11.65
N LEU A 24 -22.15 19.80 11.94
CA LEU A 24 -23.62 19.60 11.76
C LEU A 24 -24.38 19.25 13.01
N SER A 25 -23.78 18.42 13.84
CA SER A 25 -24.37 18.07 15.11
C SER A 25 -23.23 17.94 16.09
N ASN A 26 -23.57 17.87 17.36
CA ASN A 26 -22.64 17.40 18.37
C ASN A 26 -22.25 15.92 18.23
N ARG A 27 -22.56 15.32 17.10
CA ARG A 27 -22.11 13.95 16.80
C ARG A 27 -21.17 13.88 15.58
N SER A 28 -20.98 15.01 14.90
CA SER A 28 -19.96 15.20 13.90
C SER A 28 -18.51 14.96 14.39
N ILE A 29 -17.73 14.28 13.53
CA ILE A 29 -16.29 14.28 13.65
C ILE A 29 -15.83 15.72 13.82
N ALA A 30 -16.34 16.63 13.00
CA ALA A 30 -16.00 18.06 13.09
C ALA A 30 -16.20 18.60 14.51
N TYR A 31 -17.29 18.18 15.17
CA TYR A 31 -17.52 18.58 16.55
C TYR A 31 -16.45 18.02 17.49
N GLY A 32 -15.97 16.80 17.24
CA GLY A 32 -14.90 16.23 18.06
C GLY A 32 -13.60 17.00 17.90
N ILE A 33 -13.26 17.32 16.66
CA ILE A 33 -12.05 18.06 16.35
C ILE A 33 -12.12 19.48 16.96
N ALA A 34 -13.26 20.17 16.80
CA ALA A 34 -13.43 21.52 17.38
C ALA A 34 -13.13 21.43 18.88
N LYS A 35 -13.74 20.47 19.53
CA LYS A 35 -13.67 20.40 20.98
C LYS A 35 -12.22 20.17 21.46
N ALA A 36 -11.53 19.19 20.85
CA ALA A 36 -10.12 18.95 21.15
C ALA A 36 -9.30 20.19 20.79
N CYS A 37 -9.54 20.79 19.64
CA CYS A 37 -8.83 22.02 19.29
C CYS A 37 -9.02 23.10 20.32
N LYS A 38 -10.28 23.32 20.74
CA LYS A 38 -10.61 24.29 21.78
C LYS A 38 -9.92 23.97 23.15
N ARG A 39 -9.94 22.73 23.59
CA ARG A 39 -9.18 22.34 24.76
C ARG A 39 -7.69 22.64 24.65
N GLU A 40 -7.11 22.61 23.45
CA GLU A 40 -5.69 22.87 23.37
C GLU A 40 -5.36 24.30 23.04
N GLY A 41 -6.34 25.20 23.13
CA GLY A 41 -6.02 26.64 23.10
C GLY A 41 -6.22 27.33 21.78
N ALA A 42 -6.77 26.63 20.80
CA ALA A 42 -7.04 27.23 19.50
C ALA A 42 -8.22 28.22 19.51
N GLU A 43 -8.22 29.12 18.54
CA GLU A 43 -9.36 29.95 18.26
C GLU A 43 -10.01 29.39 17.03
N LEU A 44 -11.33 29.25 17.06
CA LEU A 44 -12.01 28.55 16.02
C LEU A 44 -12.89 29.45 15.18
N ALA A 45 -13.02 29.14 13.89
CA ALA A 45 -14.15 29.62 13.04
C ALA A 45 -14.84 28.48 12.29
N PHE A 46 -16.04 28.75 11.75
CA PHE A 46 -16.91 27.67 11.26
C PHE A 46 -17.58 28.10 9.98
N THR A 47 -17.78 27.16 9.06
CA THR A 47 -18.65 27.42 7.92
C THR A 47 -20.01 26.75 8.14
N TYR A 48 -21.00 27.17 7.36
CA TYR A 48 -22.25 26.43 7.30
C TYR A 48 -22.81 26.64 5.90
N VAL A 49 -23.86 25.87 5.62
CA VAL A 49 -24.57 25.89 4.36
C VAL A 49 -26.03 26.19 4.65
N GLY A 50 -26.54 27.30 4.13
CA GLY A 50 -27.99 27.54 4.20
C GLY A 50 -28.50 28.37 5.37
N ASP A 51 -29.28 29.39 5.05
CA ASP A 51 -29.73 30.29 6.12
C ASP A 51 -30.55 29.62 7.19
N ARG A 52 -31.10 28.47 6.88
CA ARG A 52 -31.81 27.65 7.87
C ARG A 52 -30.87 27.08 8.90
N PHE A 53 -29.58 26.98 8.56
CA PHE A 53 -28.57 26.42 9.45
C PHE A 53 -27.75 27.49 10.21
N LYS A 54 -27.94 28.76 9.89
CA LYS A 54 -27.06 29.80 10.42
C LYS A 54 -27.08 29.89 11.97
N ASP A 55 -28.26 29.79 12.56
CA ASP A 55 -28.37 29.96 14.01
C ASP A 55 -27.78 28.78 14.82
N ARG A 56 -28.01 27.54 14.35
CA ARG A 56 -27.35 26.37 14.93
C ARG A 56 -25.82 26.41 14.88
N ILE A 57 -25.22 26.70 13.74
CA ILE A 57 -23.75 26.89 13.64
C ILE A 57 -23.30 28.05 14.57
N THR A 58 -24.09 29.12 14.62
CA THR A 58 -23.80 30.24 15.53
C THR A 58 -23.82 29.75 16.98
N GLU A 59 -24.84 28.97 17.33
CA GLU A 59 -24.92 28.38 18.67
C GLU A 59 -23.75 27.44 19.01
N PHE A 60 -23.39 26.59 18.04
CA PHE A 60 -22.24 25.71 18.20
C PHE A 60 -21.00 26.54 18.43
N ALA A 61 -20.80 27.53 17.56
CA ALA A 61 -19.65 28.39 17.63
C ALA A 61 -19.51 29.11 18.98
N ALA A 62 -20.64 29.55 19.58
CA ALA A 62 -20.63 30.16 20.93
C ALA A 62 -20.22 29.15 22.01
N GLU A 63 -20.67 27.91 21.86
CA GLU A 63 -20.27 26.87 22.76
C GLU A 63 -18.72 26.79 22.79
N PHE A 64 -18.08 27.13 21.67
CA PHE A 64 -16.61 27.18 21.57
C PHE A 64 -15.98 28.59 21.70
N GLY A 65 -16.72 29.58 22.21
CA GLY A 65 -16.16 30.92 22.41
C GLY A 65 -15.84 31.70 21.15
N SER A 66 -16.50 31.33 20.08
CA SER A 66 -16.28 31.97 18.80
C SER A 66 -17.57 32.63 18.34
N GLU A 67 -17.48 33.78 17.67
CA GLU A 67 -18.61 34.33 16.90
C GLU A 67 -18.34 34.45 15.40
N LEU A 68 -17.36 33.69 14.90
CA LEU A 68 -17.00 33.73 13.48
C LEU A 68 -17.66 32.53 12.77
N VAL A 69 -18.73 32.79 12.03
CA VAL A 69 -19.39 31.76 11.26
C VAL A 69 -19.62 32.35 9.88
N PHE A 70 -19.37 31.55 8.85
CA PHE A 70 -19.50 32.03 7.51
C PHE A 70 -20.22 31.01 6.64
N PRO A 71 -21.05 31.49 5.70
CA PRO A 71 -21.73 30.65 4.73
C PRO A 71 -20.71 30.18 3.68
N CYS A 72 -20.76 28.91 3.31
CA CYS A 72 -19.95 28.46 2.21
C CYS A 72 -20.56 27.21 1.62
N ASP A 73 -21.28 27.33 0.53
CA ASP A 73 -21.62 26.14 -0.23
C ASP A 73 -20.44 25.80 -1.18
N VAL A 74 -19.71 24.73 -0.87
CA VAL A 74 -18.46 24.42 -1.60
C VAL A 74 -18.69 24.08 -3.10
N ALA A 75 -19.94 23.98 -3.54
CA ALA A 75 -20.27 23.78 -4.94
C ALA A 75 -20.12 25.08 -5.69
N ASP A 76 -20.01 26.17 -4.96
CA ASP A 76 -20.12 27.52 -5.54
C ASP A 76 -18.79 28.22 -5.38
N ASP A 77 -18.11 28.47 -6.49
CA ASP A 77 -16.79 29.11 -6.49
C ASP A 77 -16.80 30.44 -5.75
N ALA A 78 -17.85 31.22 -5.98
CA ALA A 78 -17.86 32.57 -5.46
C ALA A 78 -18.09 32.56 -3.96
N GLN A 79 -18.84 31.60 -3.44
CA GLN A 79 -18.89 31.49 -1.99
C GLN A 79 -17.56 31.06 -1.38
N ILE A 80 -16.79 30.22 -2.07
CA ILE A 80 -15.48 29.83 -1.56
C ILE A 80 -14.54 31.04 -1.49
N ASP A 81 -14.52 31.84 -2.54
CA ASP A 81 -13.73 33.07 -2.52
C ASP A 81 -14.20 34.06 -1.45
N ALA A 82 -15.52 34.31 -1.39
CA ALA A 82 -16.13 35.18 -0.32
C ALA A 82 -15.81 34.73 1.10
N LEU A 83 -15.81 33.42 1.32
CA LEU A 83 -15.46 32.83 2.59
C LEU A 83 -14.16 33.45 3.16
N PHE A 84 -13.12 33.49 2.32
CA PHE A 84 -11.78 33.90 2.74
C PHE A 84 -11.62 35.42 2.63
N ALA A 85 -12.33 36.03 1.70
CA ALA A 85 -12.49 37.49 1.74
C ALA A 85 -13.07 37.90 3.07
N SER A 86 -14.09 37.22 3.58
CA SER A 86 -14.70 37.60 4.86
C SER A 86 -13.87 37.23 6.09
N LEU A 87 -13.38 35.98 6.13
CA LEU A 87 -12.49 35.54 7.19
C LEU A 87 -11.32 36.51 7.37
N LYS A 88 -10.81 37.02 6.25
CA LYS A 88 -9.68 37.95 6.20
C LYS A 88 -10.00 39.25 6.94
N THR A 89 -11.25 39.70 6.88
CA THR A 89 -11.62 40.88 7.68
C THR A 89 -11.59 40.65 9.18
N HIS A 90 -11.36 39.40 9.63
CA HIS A 90 -11.25 39.08 11.05
C HIS A 90 -9.92 38.59 11.50
N TRP A 91 -9.27 37.74 10.69
CA TRP A 91 -7.96 37.17 10.98
C TRP A 91 -6.98 37.58 9.90
N ASP A 92 -5.80 38.10 10.26
CA ASP A 92 -4.73 38.40 9.27
C ASP A 92 -4.29 37.14 8.52
N SER A 93 -4.29 36.02 9.22
CA SER A 93 -3.72 34.80 8.68
C SER A 93 -4.46 33.60 9.29
N LEU A 94 -4.39 32.45 8.62
CA LEU A 94 -5.10 31.21 9.00
C LEU A 94 -4.12 30.06 9.25
N ASP A 95 -4.23 29.41 10.41
CA ASP A 95 -3.30 28.33 10.77
C ASP A 95 -3.81 26.92 10.49
N GLY A 96 -5.13 26.73 10.49
CA GLY A 96 -5.67 25.42 10.30
C GLY A 96 -6.93 25.38 9.50
N LEU A 97 -7.08 24.28 8.79
CA LEU A 97 -8.28 24.08 8.04
C LEU A 97 -8.72 22.65 8.19
N VAL A 98 -9.98 22.48 8.61
CA VAL A 98 -10.57 21.15 8.67
C VAL A 98 -11.64 21.00 7.63
N HIS A 99 -11.40 20.04 6.73
CA HIS A 99 -12.31 19.69 5.65
C HIS A 99 -12.98 18.42 6.00
N SER A 100 -14.27 18.53 6.30
CA SER A 100 -15.04 17.43 6.83
C SER A 100 -16.40 17.44 6.14
N ILE A 101 -16.37 17.31 4.82
CA ILE A 101 -17.58 17.33 4.04
C ILE A 101 -17.42 16.19 3.06
N GLY A 102 -18.47 15.43 2.89
CA GLY A 102 -18.46 14.25 2.03
C GLY A 102 -19.91 14.08 1.72
N PHE A 103 -20.23 14.00 0.43
CA PHE A 103 -21.59 13.76 -0.03
C PHE A 103 -21.62 13.04 -1.37
N ALA A 104 -22.47 12.01 -1.46
CA ALA A 104 -22.93 11.49 -2.72
C ALA A 104 -24.48 11.37 -2.66
N PRO A 105 -25.18 11.48 -3.81
CA PRO A 105 -26.61 11.17 -3.75
C PRO A 105 -26.82 9.75 -3.21
N ARG A 106 -27.95 9.55 -2.56
CA ARG A 106 -28.19 8.40 -1.66
C ARG A 106 -28.21 7.10 -2.39
N GLU A 107 -28.81 7.08 -3.56
CA GLU A 107 -28.78 5.87 -4.36
C GLU A 107 -27.32 5.46 -4.70
N ALA A 108 -26.39 6.40 -4.65
CA ALA A 108 -25.06 6.09 -5.14
C ALA A 108 -24.24 5.45 -4.05
N ILE A 109 -24.85 5.25 -2.86
CA ILE A 109 -24.20 4.64 -1.71
C ILE A 109 -25.07 3.61 -1.05
N ALA A 110 -25.86 2.92 -1.84
CA ALA A 110 -26.77 1.89 -1.36
C ALA A 110 -26.90 0.89 -2.45
N GLY A 111 -26.77 -0.40 -2.14
CA GLY A 111 -27.04 -1.42 -3.15
C GLY A 111 -25.84 -1.61 -4.07
N ASP A 112 -26.11 -2.09 -5.27
CA ASP A 112 -25.04 -2.43 -6.21
C ASP A 112 -24.32 -1.16 -6.73
N PHE A 113 -23.02 -1.27 -6.97
CA PHE A 113 -22.22 -0.12 -7.42
C PHE A 113 -22.69 0.41 -8.78
N LEU A 114 -22.83 -0.49 -9.73
CA LEU A 114 -23.37 -0.14 -11.05
C LEU A 114 -24.80 0.37 -11.02
N ASP A 115 -25.67 -0.25 -10.24
CA ASP A 115 -27.06 0.20 -10.16
C ASP A 115 -27.21 1.67 -9.77
N GLY A 116 -26.31 2.18 -8.93
CA GLY A 116 -26.44 3.56 -8.41
C GLY A 116 -25.49 4.53 -9.08
N LEU A 117 -24.87 4.06 -10.19
CA LEU A 117 -23.90 4.82 -10.95
C LEU A 117 -24.55 5.59 -12.11
N THR A 118 -24.45 6.92 -12.06
CA THR A 118 -24.92 7.79 -13.17
C THR A 118 -23.83 8.85 -13.21
N ARG A 119 -23.61 9.47 -14.35
CA ARG A 119 -22.71 10.58 -14.46
C ARG A 119 -22.93 11.65 -13.40
N GLU A 120 -24.16 12.14 -13.27
CA GLU A 120 -24.55 13.17 -12.29
C GLU A 120 -24.15 12.69 -10.87
N ASN A 121 -24.45 11.44 -10.51
CA ASN A 121 -24.10 10.97 -9.14
C ASN A 121 -22.58 11.01 -8.91
N PHE A 122 -21.84 10.54 -9.91
CA PHE A 122 -20.40 10.54 -9.86
C PHE A 122 -19.82 11.98 -9.80
N ARG A 123 -20.33 12.88 -10.66
CA ARG A 123 -19.82 14.24 -10.84
C ARG A 123 -19.97 14.94 -9.51
N ILE A 124 -21.14 14.79 -8.93
CA ILE A 124 -21.46 15.48 -7.71
C ILE A 124 -20.60 14.88 -6.61
N ALA A 125 -20.52 13.56 -6.49
CA ALA A 125 -19.79 13.00 -5.33
C ALA A 125 -18.34 13.46 -5.38
N HIS A 126 -17.78 13.50 -6.59
CA HIS A 126 -16.41 13.97 -6.74
C HIS A 126 -16.27 15.43 -6.52
N ASP A 127 -17.22 16.21 -7.03
CA ASP A 127 -17.14 17.67 -6.90
C ASP A 127 -17.16 18.06 -5.41
N ILE A 128 -18.17 17.61 -4.68
CA ILE A 128 -18.33 17.97 -3.24
C ILE A 128 -17.32 17.28 -2.32
N SER A 129 -16.99 16.01 -2.61
CA SER A 129 -16.26 15.19 -1.63
C SER A 129 -14.76 15.29 -1.89
N ALA A 130 -14.36 15.49 -3.16
CA ALA A 130 -12.93 15.54 -3.49
C ALA A 130 -12.46 16.92 -3.87
N TYR A 131 -13.03 17.46 -4.95
CA TYR A 131 -12.58 18.73 -5.52
C TYR A 131 -12.54 19.83 -4.45
N SER A 132 -13.57 19.88 -3.62
CA SER A 132 -13.73 20.99 -2.68
C SER A 132 -12.52 21.17 -1.72
N PHE A 133 -11.75 20.10 -1.47
CA PHE A 133 -10.61 20.19 -0.57
C PHE A 133 -9.49 21.05 -1.16
N PRO A 134 -8.82 20.57 -2.24
CA PRO A 134 -7.88 21.53 -2.79
C PRO A 134 -8.53 22.90 -3.10
N ALA A 135 -9.82 22.93 -3.44
CA ALA A 135 -10.44 24.22 -3.85
C ALA A 135 -10.35 25.22 -2.69
N LEU A 136 -10.74 24.77 -1.49
CA LEU A 136 -10.59 25.59 -0.29
C LEU A 136 -9.13 25.97 -0.07
N ALA A 137 -8.21 25.04 -0.34
CA ALA A 137 -6.79 25.28 -0.04
C ALA A 137 -6.24 26.43 -0.86
N LYS A 138 -6.59 26.40 -2.15
CA LYS A 138 -6.26 27.44 -3.12
C LYS A 138 -6.80 28.82 -2.73
N ALA A 139 -8.09 28.89 -2.42
CA ALA A 139 -8.69 30.14 -1.96
C ALA A 139 -8.08 30.68 -0.64
N ALA A 140 -7.66 29.76 0.25
CA ALA A 140 -7.05 30.11 1.52
C ALA A 140 -5.58 30.52 1.40
N LEU A 141 -4.91 30.11 0.34
CA LEU A 141 -3.46 30.24 0.30
C LEU A 141 -2.94 31.67 0.64
N PRO A 142 -3.50 32.73 -0.01
CA PRO A 142 -3.02 34.08 0.32
C PRO A 142 -3.06 34.43 1.81
N MET A 143 -3.86 33.73 2.60
CA MET A 143 -3.87 34.06 4.03
C MET A 143 -3.32 32.98 4.96
N LEU A 144 -2.85 31.86 4.41
CA LEU A 144 -2.27 30.83 5.23
C LEU A 144 -0.93 31.24 5.82
N SER A 145 -0.75 31.00 7.13
CA SER A 145 0.59 31.14 7.71
C SER A 145 1.52 30.04 7.13
N ASP A 146 2.84 30.27 7.22
CA ASP A 146 3.82 29.40 6.57
C ASP A 146 3.82 28.03 7.20
N ASP A 147 3.21 27.91 8.38
CA ASP A 147 3.26 26.65 9.08
C ASP A 147 1.83 26.20 9.34
N ALA A 148 0.98 26.57 8.39
CA ALA A 148 -0.45 26.19 8.41
C ALA A 148 -0.62 24.68 8.20
N SER A 149 -1.77 24.17 8.61
CA SER A 149 -1.96 22.72 8.56
C SER A 149 -3.33 22.42 8.05
N LEU A 150 -3.42 21.68 6.93
CA LEU A 150 -4.73 21.35 6.31
C LEU A 150 -5.14 19.89 6.53
N LEU A 151 -6.38 19.68 6.95
CA LEU A 151 -6.74 18.33 7.37
C LEU A 151 -8.06 17.93 6.73
N THR A 152 -8.08 16.74 6.14
CA THR A 152 -9.31 16.22 5.56
C THR A 152 -9.66 14.90 6.22
N LEU A 153 -10.89 14.44 5.99
CA LEU A 153 -11.39 13.22 6.55
C LEU A 153 -11.60 12.25 5.42
N SER A 154 -11.17 11.01 5.59
CA SER A 154 -11.37 10.00 4.56
C SER A 154 -11.90 8.74 5.23
N TYR A 155 -12.03 7.67 4.46
CA TYR A 155 -12.55 6.42 4.94
C TYR A 155 -11.96 5.26 4.12
N LEU A 156 -11.87 4.09 4.75
CA LEU A 156 -11.17 2.90 4.25
C LEU A 156 -11.68 2.39 2.86
N GLY A 157 -12.92 2.71 2.53
CA GLY A 157 -13.47 2.43 1.23
C GLY A 157 -12.73 3.06 0.05
N ALA A 158 -11.85 4.04 0.33
CA ALA A 158 -10.90 4.56 -0.69
C ALA A 158 -9.88 3.49 -1.03
N GLU A 159 -9.54 2.68 -0.04
CA GLU A 159 -8.45 1.74 -0.17
C GLU A 159 -8.93 0.38 -0.69
N ARG A 160 -10.06 -0.10 -0.17
CA ARG A 160 -10.57 -1.43 -0.47
C ARG A 160 -12.08 -1.34 -0.61
N ALA A 161 -12.66 -2.24 -1.41
CA ALA A 161 -14.10 -2.14 -1.72
C ALA A 161 -14.91 -2.57 -0.54
N ILE A 162 -15.71 -1.67 -0.08
CA ILE A 162 -16.64 -1.88 0.99
C ILE A 162 -18.07 -1.86 0.43
N PRO A 163 -18.92 -2.71 0.98
CA PRO A 163 -20.23 -2.98 0.46
C PRO A 163 -21.16 -1.86 0.16
N ASN A 164 -21.34 -0.85 0.91
CA ASN A 164 -22.20 0.08 0.16
C ASN A 164 -21.56 1.37 -0.35
N TYR A 165 -20.29 1.48 -0.09
CA TYR A 165 -19.61 2.72 -0.15
C TYR A 165 -19.53 3.22 -1.57
N ASN A 166 -19.42 2.28 -2.48
CA ASN A 166 -19.59 2.46 -3.90
C ASN A 166 -18.93 3.72 -4.49
N THR A 167 -19.75 4.59 -5.03
CA THR A 167 -19.30 5.80 -5.62
C THR A 167 -18.37 6.64 -4.77
N MET A 168 -18.71 6.73 -3.50
CA MET A 168 -17.97 7.44 -2.48
C MET A 168 -16.52 6.93 -2.25
N GLY A 169 -16.31 5.65 -2.53
CA GLY A 169 -15.00 4.99 -2.55
C GLY A 169 -14.08 5.66 -3.54
N LEU A 170 -14.64 5.96 -4.70
CA LEU A 170 -13.89 6.58 -5.76
C LEU A 170 -13.56 8.01 -5.33
N ALA A 171 -14.55 8.70 -4.78
CA ALA A 171 -14.34 10.10 -4.46
C ALA A 171 -13.27 10.21 -3.33
N LYS A 172 -13.35 9.34 -2.32
CA LYS A 172 -12.31 9.31 -1.29
C LYS A 172 -10.90 8.98 -1.84
N ALA A 173 -10.82 8.10 -2.83
CA ALA A 173 -9.50 7.78 -3.38
C ALA A 173 -8.89 9.05 -4.00
N ALA A 174 -9.72 9.78 -4.73
CA ALA A 174 -9.23 10.99 -5.39
C ALA A 174 -8.89 11.99 -4.33
N LEU A 175 -9.68 11.99 -3.25
CA LEU A 175 -9.41 12.86 -2.07
C LEU A 175 -8.07 12.57 -1.43
N GLU A 176 -7.78 11.29 -1.22
CA GLU A 176 -6.48 10.94 -0.66
C GLU A 176 -5.36 11.31 -1.63
N ALA A 177 -5.57 11.20 -2.93
CA ALA A 177 -4.48 11.65 -3.84
C ALA A 177 -4.27 13.19 -3.80
N SER A 178 -5.37 13.95 -3.66
CA SER A 178 -5.29 15.40 -3.57
C SER A 178 -4.50 15.80 -2.31
N VAL A 179 -4.58 15.00 -1.24
CA VAL A 179 -3.74 15.20 -0.09
C VAL A 179 -2.26 15.17 -0.47
N ARG A 180 -1.84 14.27 -1.35
CA ARG A 180 -0.43 14.13 -1.70
C ARG A 180 0.06 15.27 -2.60
N TYR A 181 -0.72 15.54 -3.64
CA TYR A 181 -0.48 16.66 -4.54
C TYR A 181 -0.56 18.02 -3.81
N LEU A 182 -1.49 18.20 -2.89
CA LEU A 182 -1.51 19.41 -2.10
C LEU A 182 -0.23 19.49 -1.26
N ALA A 183 0.21 18.35 -0.72
CA ALA A 183 1.45 18.39 0.09
C ALA A 183 2.60 18.91 -0.71
N VAL A 184 2.72 18.48 -1.96
CA VAL A 184 3.86 18.92 -2.78
C VAL A 184 3.66 20.39 -3.12
N SER A 185 2.43 20.72 -3.50
CA SER A 185 2.18 22.07 -3.96
C SER A 185 2.33 23.10 -2.82
N LEU A 186 2.03 22.69 -1.59
CA LEU A 186 2.06 23.64 -0.48
C LEU A 186 3.28 23.54 0.45
N GLY A 187 4.12 22.56 0.25
CA GLY A 187 5.14 22.24 1.25
C GLY A 187 6.37 23.14 1.29
N ALA A 188 6.74 23.73 0.16
CA ALA A 188 7.88 24.65 0.15
C ALA A 188 7.60 25.82 1.09
N LYS A 189 6.39 26.39 1.05
CA LYS A 189 6.03 27.50 1.94
C LYS A 189 6.08 27.01 3.36
N GLY A 190 5.90 25.69 3.52
CA GLY A 190 5.91 25.07 4.83
C GLY A 190 4.55 24.54 5.27
N VAL A 191 3.52 24.66 4.41
CA VAL A 191 2.17 24.14 4.81
C VAL A 191 2.16 22.60 4.80
N ARG A 192 1.42 22.00 5.73
CA ARG A 192 1.31 20.54 5.80
C ARG A 192 -0.14 20.16 5.46
N VAL A 193 -0.29 19.00 4.83
CA VAL A 193 -1.60 18.54 4.39
C VAL A 193 -1.76 17.07 4.66
N ASN A 194 -2.79 16.71 5.39
CA ASN A 194 -2.94 15.29 5.73
C ASN A 194 -4.38 14.90 5.70
N ALA A 195 -4.63 13.58 5.75
CA ALA A 195 -5.95 13.10 6.06
C ALA A 195 -5.95 12.23 7.33
N ILE A 196 -7.10 12.20 8.02
CA ILE A 196 -7.42 11.05 8.88
C ILE A 196 -8.40 10.13 8.15
N SER A 197 -8.03 8.84 8.03
CA SER A 197 -8.95 7.82 7.56
C SER A 197 -9.71 7.28 8.78
N ALA A 198 -10.90 7.85 9.03
CA ALA A 198 -11.58 7.60 10.31
C ALA A 198 -12.42 6.38 10.13
N GLY A 199 -12.60 5.55 11.18
CA GLY A 199 -13.50 4.40 11.17
C GLY A 199 -14.91 4.94 11.37
N PRO A 200 -15.94 4.06 11.29
CA PRO A 200 -17.33 4.56 11.45
C PRO A 200 -17.62 5.03 12.86
N ILE A 201 -18.57 5.97 13.00
CA ILE A 201 -18.97 6.48 14.32
C ILE A 201 -20.41 6.13 14.70
N SER A 207 -29.52 7.41 14.89
CA SER A 207 -28.64 7.56 13.76
C SER A 207 -29.31 7.24 12.40
N GLY A 208 -29.42 5.97 11.99
CA GLY A 208 -30.15 5.57 10.77
C GLY A 208 -30.06 4.17 10.06
N ILE A 209 -29.01 3.95 9.31
CA ILE A 209 -28.79 2.76 8.48
C ILE A 209 -28.65 1.38 9.19
N LYS A 210 -29.25 0.35 8.62
CA LYS A 210 -29.14 -0.99 9.16
C LYS A 210 -27.87 -1.65 8.71
N SER A 211 -27.37 -1.25 7.55
CA SER A 211 -26.11 -1.76 7.10
C SER A 211 -25.03 -1.17 7.94
N PHE A 212 -25.31 -0.05 8.57
CA PHE A 212 -24.36 0.63 9.35
C PHE A 212 -24.12 -0.06 10.65
N GLY A 213 -25.20 -0.49 11.30
CA GLY A 213 -25.11 -1.30 12.52
C GLY A 213 -24.30 -2.58 12.27
N LYS A 214 -24.43 -3.09 11.05
CA LYS A 214 -23.70 -4.24 10.66
C LYS A 214 -22.18 -3.94 10.67
N ILE A 215 -21.80 -2.82 10.07
CA ILE A 215 -20.40 -2.35 10.05
C ILE A 215 -19.87 -2.13 11.44
N LEU A 216 -20.66 -1.41 12.24
CA LEU A 216 -20.34 -1.10 13.62
C LEU A 216 -20.03 -2.36 14.37
N ASP A 217 -20.91 -3.36 14.24
CA ASP A 217 -20.70 -4.61 14.96
C ASP A 217 -19.48 -5.35 14.45
N PHE A 218 -19.31 -5.39 13.12
CA PHE A 218 -18.16 -6.06 12.55
C PHE A 218 -16.84 -5.41 13.10
N VAL A 219 -16.79 -4.07 13.13
CA VAL A 219 -15.55 -3.37 13.50
C VAL A 219 -15.27 -3.71 14.98
N GLU A 220 -16.35 -3.69 15.77
CA GLU A 220 -16.25 -3.92 17.21
C GLU A 220 -15.73 -5.32 17.54
N SER A 221 -16.23 -6.32 16.80
CA SER A 221 -15.76 -7.73 16.91
C SER A 221 -14.36 -7.99 16.40
N ASN A 222 -13.94 -7.27 15.36
CA ASN A 222 -12.77 -7.67 14.56
C ASN A 222 -11.60 -6.74 14.65
N SER A 223 -11.82 -5.47 14.92
CA SER A 223 -10.73 -4.53 15.04
C SER A 223 -9.73 -4.94 16.14
N PRO A 224 -8.43 -4.66 15.94
CA PRO A 224 -7.52 -5.04 17.02
C PRO A 224 -7.96 -4.53 18.39
N LEU A 225 -8.61 -3.38 18.48
CA LEU A 225 -8.93 -2.88 19.80
C LEU A 225 -10.35 -3.25 20.22
N LYS A 226 -11.08 -3.98 19.38
CA LYS A 226 -12.38 -4.54 19.73
C LYS A 226 -13.36 -3.46 20.17
N ARG A 227 -13.24 -2.28 19.59
CA ARG A 227 -14.18 -1.21 19.84
C ARG A 227 -14.18 -0.35 18.61
N ASN A 228 -15.29 0.34 18.39
CA ASN A 228 -15.38 1.44 17.45
C ASN A 228 -14.70 2.72 17.93
N VAL A 229 -14.17 3.51 17.03
CA VAL A 229 -13.59 4.84 17.43
C VAL A 229 -14.68 5.83 17.76
N THR A 230 -14.33 6.88 18.50
CA THR A 230 -15.23 7.94 18.90
C THR A 230 -14.79 9.23 18.26
N ILE A 231 -15.69 10.20 18.26
CA ILE A 231 -15.31 11.55 17.86
C ILE A 231 -14.27 12.19 18.80
N GLU A 232 -14.11 11.70 20.05
CA GLU A 232 -13.04 12.22 20.90
C GLU A 232 -11.69 11.76 20.37
N GLN A 233 -11.62 10.47 20.04
CA GLN A 233 -10.39 9.86 19.53
C GLN A 233 -10.03 10.46 18.18
N VAL A 234 -11.02 10.65 17.29
CA VAL A 234 -10.72 11.26 15.99
C VAL A 234 -10.39 12.74 16.18
N GLY A 235 -11.04 13.38 17.15
CA GLY A 235 -10.81 14.79 17.47
C GLY A 235 -9.41 15.02 18.00
N ASN A 236 -8.96 14.19 18.95
CA ASN A 236 -7.58 14.31 19.44
C ASN A 236 -6.55 14.10 18.35
N ALA A 237 -6.78 13.15 17.45
CA ALA A 237 -5.83 12.93 16.34
C ALA A 237 -5.78 14.16 15.40
N GLY A 238 -6.92 14.80 15.25
CA GLY A 238 -7.05 15.91 14.30
C GLY A 238 -6.31 17.09 14.86
N ALA A 239 -6.53 17.34 16.15
CA ALA A 239 -5.84 18.39 16.88
C ALA A 239 -4.32 18.23 16.76
N PHE A 240 -3.85 17.00 16.94
CA PHE A 240 -2.42 16.69 16.87
C PHE A 240 -1.86 17.08 15.49
N LEU A 241 -2.48 16.56 14.43
CA LEU A 241 -2.06 16.88 13.05
C LEU A 241 -2.18 18.34 12.76
N LEU A 242 -3.11 19.03 13.42
CA LEU A 242 -3.23 20.48 13.18
C LEU A 242 -2.11 21.27 13.87
N SER A 243 -1.36 20.64 14.78
CA SER A 243 -0.40 21.36 15.64
C SER A 243 1.07 21.18 15.26
N ASP A 244 1.91 21.99 15.89
CA ASP A 244 3.37 21.95 15.74
C ASP A 244 3.99 20.62 16.14
N LEU A 245 3.30 19.83 16.96
CA LEU A 245 3.77 18.46 17.29
C LEU A 245 3.90 17.62 16.04
N ALA A 246 3.06 17.93 15.04
CA ALA A 246 3.06 17.13 13.79
C ALA A 246 3.89 17.81 12.67
N SER A 247 4.75 18.72 13.06
CA SER A 247 5.41 19.52 12.04
C SER A 247 6.26 18.67 11.06
N GLY A 248 6.64 17.45 11.47
CA GLY A 248 7.25 16.52 10.51
C GLY A 248 6.31 15.73 9.58
N VAL A 249 4.99 15.86 9.78
CA VAL A 249 4.04 15.00 9.08
C VAL A 249 3.20 15.74 8.01
N THR A 250 3.36 15.27 6.79
CA THR A 250 2.61 15.80 5.67
C THR A 250 2.45 14.68 4.60
N ALA A 251 1.43 14.83 3.74
CA ALA A 251 1.06 13.85 2.73
C ALA A 251 0.64 12.53 3.36
N GLU A 252 0.18 12.57 4.61
CA GLU A 252 -0.18 11.35 5.30
C GLU A 252 -1.68 11.11 5.35
N VAL A 253 -2.00 9.82 5.22
CA VAL A 253 -3.33 9.32 5.50
C VAL A 253 -3.21 8.45 6.75
N MET A 254 -3.54 9.06 7.89
CA MET A 254 -3.48 8.39 9.18
C MET A 254 -4.81 7.67 9.53
N HIS A 255 -4.74 6.34 9.72
CA HIS A 255 -5.94 5.62 10.20
C HIS A 255 -6.25 5.89 11.64
N VAL A 256 -7.43 6.37 11.94
CA VAL A 256 -7.86 6.38 13.32
C VAL A 256 -9.12 5.52 13.36
N ASP A 257 -8.93 4.24 13.63
CA ASP A 257 -9.97 3.28 13.32
C ASP A 257 -9.86 2.05 14.20
N SER A 258 -9.25 2.21 15.36
CA SER A 258 -8.97 1.07 16.24
C SER A 258 -8.14 -0.04 15.55
N GLY A 259 -7.40 0.28 14.49
CA GLY A 259 -6.58 -0.70 13.75
C GLY A 259 -7.34 -1.55 12.76
N PHE A 260 -8.62 -1.23 12.56
CA PHE A 260 -9.45 -2.04 11.71
C PHE A 260 -8.86 -2.30 10.31
N ASN A 261 -8.31 -1.27 9.68
CA ASN A 261 -7.75 -1.37 8.31
C ASN A 261 -6.70 -2.45 8.23
N ALA A 262 -6.02 -2.73 9.35
CA ALA A 262 -4.85 -3.63 9.39
C ALA A 262 -5.10 -5.13 9.45
N VAL A 263 -6.38 -5.54 9.41
CA VAL A 263 -6.75 -6.94 9.62
C VAL A 263 -7.59 -7.54 8.50
N VAL A 264 -7.61 -8.88 8.41
CA VAL A 264 -8.65 -9.58 7.68
C VAL A 264 -9.56 -10.16 8.74
N GLY A 265 -10.66 -9.44 8.96
CA GLY A 265 -11.61 -9.82 10.00
C GLY A 265 -12.63 -10.82 9.51
N GLY A 266 -13.31 -11.49 10.45
CA GLY A 266 -14.46 -12.31 10.16
C GLY A 266 -14.18 -13.75 9.84
N MET A 267 -12.95 -14.22 10.02
CA MET A 267 -12.58 -15.59 9.63
C MET A 267 -12.28 -16.46 10.84
N MET B 10 -1.20 18.62 33.46
CA MET B 10 -0.88 19.69 32.48
C MET B 10 -0.46 19.08 31.15
N GLY B 11 0.67 18.34 31.14
CA GLY B 11 1.20 17.68 29.92
C GLY B 11 0.32 16.54 29.38
N PHE B 12 0.36 16.26 28.06
CA PHE B 12 -0.53 15.20 27.53
C PHE B 12 -0.04 13.76 27.83
N LEU B 13 1.09 13.59 28.51
CA LEU B 13 1.55 12.27 28.97
C LEU B 13 1.68 12.23 30.50
N ASP B 14 0.85 12.97 31.23
CA ASP B 14 0.98 13.14 32.67
C ASP B 14 0.89 11.85 33.44
N GLY B 15 1.88 11.51 34.26
CA GLY B 15 1.79 10.29 35.07
C GLY B 15 2.11 9.02 34.30
N LYS B 16 2.38 9.15 32.99
CA LYS B 16 2.71 7.96 32.19
C LYS B 16 4.14 7.49 32.47
N ARG B 17 4.33 6.19 32.56
CA ARG B 17 5.65 5.64 32.78
C ARG B 17 6.06 4.88 31.53
N ILE B 18 7.18 5.29 30.96
CA ILE B 18 7.59 4.85 29.66
C ILE B 18 9.03 4.38 29.72
N LEU B 19 9.28 3.18 29.21
CA LEU B 19 10.66 2.67 29.02
C LEU B 19 11.20 2.87 27.58
N LEU B 20 12.40 3.37 27.43
CA LEU B 20 12.93 3.63 26.10
C LEU B 20 14.25 2.96 25.87
N THR B 21 14.36 2.24 24.75
CA THR B 21 15.60 1.58 24.32
C THR B 21 16.29 2.49 23.29
N GLY B 22 17.55 2.22 23.01
CA GLY B 22 18.17 2.80 21.83
C GLY B 22 18.60 4.22 22.04
N LEU B 23 18.59 4.72 23.28
CA LEU B 23 19.15 6.08 23.50
C LEU B 23 20.69 6.02 23.64
N LEU B 24 21.42 6.43 22.59
CA LEU B 24 22.87 6.34 22.64
C LEU B 24 23.56 7.66 22.89
N SER B 25 22.97 8.74 22.36
CA SER B 25 23.52 10.10 22.40
C SER B 25 22.32 11.03 22.22
N ASN B 26 22.56 12.33 22.35
CA ASN B 26 21.52 13.32 22.15
C ASN B 26 21.15 13.52 20.65
N ARG B 27 21.76 12.70 19.78
CA ARG B 27 21.37 12.59 18.38
C ARG B 27 20.38 11.42 18.12
N SER B 28 20.23 10.48 19.08
CA SER B 28 19.33 9.34 18.87
C SER B 28 17.88 9.74 18.76
N ILE B 29 17.14 8.94 18.01
CA ILE B 29 15.71 9.14 17.89
C ILE B 29 15.08 8.99 19.30
N ALA B 30 15.52 7.95 20.01
CA ALA B 30 15.11 7.71 21.39
C ALA B 30 15.28 8.92 22.30
N TYR B 31 16.30 9.73 22.01
CA TYR B 31 16.57 10.95 22.78
C TYR B 31 15.49 11.98 22.45
N GLY B 32 15.15 12.10 21.17
CA GLY B 32 14.04 12.99 20.79
C GLY B 32 12.74 12.58 21.50
N ILE B 33 12.43 11.30 21.47
CA ILE B 33 11.19 10.84 22.04
C ILE B 33 11.24 11.04 23.56
N ALA B 34 12.38 10.75 24.20
CA ALA B 34 12.46 10.91 25.66
C ALA B 34 12.20 12.37 26.00
N LYS B 35 12.72 13.27 25.18
CA LYS B 35 12.63 14.66 25.55
C LYS B 35 11.23 15.23 25.41
N ALA B 36 10.58 14.89 24.31
CA ALA B 36 9.17 15.24 24.12
C ALA B 36 8.31 14.66 25.28
N CYS B 37 8.57 13.39 25.64
CA CYS B 37 7.77 12.65 26.63
C CYS B 37 7.93 13.27 28.02
N LYS B 38 9.19 13.58 28.38
CA LYS B 38 9.47 14.25 29.63
C LYS B 38 8.81 15.63 29.67
N ARG B 39 8.84 16.39 28.56
CA ARG B 39 8.11 17.67 28.49
C ARG B 39 6.63 17.51 28.78
N GLU B 40 6.06 16.39 28.38
CA GLU B 40 4.62 16.23 28.49
C GLU B 40 4.24 15.51 29.77
N GLY B 41 5.20 15.38 30.68
CA GLY B 41 4.88 14.90 31.99
C GLY B 41 5.10 13.43 32.28
N ALA B 42 5.80 12.67 31.41
CA ALA B 42 5.96 11.23 31.67
C ALA B 42 7.10 10.96 32.64
N GLU B 43 7.16 9.77 33.24
CA GLU B 43 8.34 9.36 33.97
C GLU B 43 9.00 8.31 33.13
N LEU B 44 10.33 8.35 33.06
CA LEU B 44 11.11 7.54 32.11
C LEU B 44 12.06 6.52 32.76
N ALA B 45 12.38 5.48 31.99
CA ALA B 45 13.35 4.45 32.35
C ALA B 45 14.06 4.10 31.05
N PHE B 46 15.28 3.59 31.13
CA PHE B 46 16.13 3.49 29.97
C PHE B 46 16.90 2.21 29.96
N THR B 47 17.08 1.67 28.75
CA THR B 47 17.97 0.54 28.59
C THR B 47 19.31 0.97 27.97
N TYR B 48 20.32 0.13 28.18
CA TYR B 48 21.65 0.32 27.67
C TYR B 48 22.23 -1.08 27.45
N VAL B 49 23.18 -1.17 26.56
CA VAL B 49 23.75 -2.41 26.20
C VAL B 49 25.21 -2.30 26.63
N GLY B 50 25.68 -3.22 27.46
CA GLY B 50 27.11 -3.24 27.80
C GLY B 50 27.52 -2.29 28.92
N ASP B 51 28.33 -2.82 29.84
CA ASP B 51 28.61 -2.11 31.09
C ASP B 51 29.44 -0.85 30.84
N ARG B 52 30.21 -0.86 29.77
CA ARG B 52 30.96 0.32 29.38
C ARG B 52 30.05 1.57 29.18
N PHE B 53 28.77 1.36 28.88
CA PHE B 53 27.85 2.47 28.61
C PHE B 53 26.98 2.89 29.79
N LYS B 54 27.08 2.16 30.91
CA LYS B 54 26.25 2.44 32.09
C LYS B 54 26.27 3.92 32.48
N ASP B 55 27.46 4.49 32.52
CA ASP B 55 27.62 5.87 32.93
C ASP B 55 26.94 6.88 32.02
N ARG B 56 27.19 6.79 30.71
CA ARG B 56 26.53 7.70 29.78
C ARG B 56 25.00 7.69 29.91
N ILE B 57 24.42 6.50 29.94
CA ILE B 57 22.98 6.40 29.92
C ILE B 57 22.45 6.91 31.27
N THR B 58 23.19 6.69 32.35
CA THR B 58 22.86 7.30 33.67
C THR B 58 22.80 8.84 33.67
N GLU B 59 23.67 9.50 32.90
CA GLU B 59 23.61 10.97 32.76
C GLU B 59 22.39 11.40 31.95
N PHE B 60 22.10 10.67 30.87
CA PHE B 60 20.88 10.95 30.09
C PHE B 60 19.65 10.80 30.99
N ALA B 61 19.61 9.75 31.79
CA ALA B 61 18.42 9.50 32.58
C ALA B 61 18.30 10.65 33.58
N ALA B 62 19.41 11.00 34.24
CA ALA B 62 19.45 12.13 35.18
C ALA B 62 18.95 13.41 34.51
N GLU B 63 19.39 13.65 33.26
CA GLU B 63 18.91 14.77 32.51
C GLU B 63 17.38 14.75 32.40
N PHE B 64 16.80 13.56 32.23
CA PHE B 64 15.34 13.38 32.24
C PHE B 64 14.74 13.11 33.64
N GLY B 65 15.46 13.46 34.69
CA GLY B 65 14.89 13.43 36.04
C GLY B 65 14.66 11.99 36.46
N SER B 66 15.46 11.08 35.93
CA SER B 66 15.30 9.65 36.22
C SER B 66 16.61 9.06 36.69
N GLU B 67 16.50 7.97 37.45
CA GLU B 67 17.64 7.11 37.77
C GLU B 67 17.35 5.63 37.43
N LEU B 68 16.31 5.40 36.63
CA LEU B 68 15.97 4.00 36.22
C LEU B 68 16.62 3.60 34.90
N VAL B 69 17.79 2.97 35.00
CA VAL B 69 18.51 2.43 33.83
C VAL B 69 18.76 0.93 34.01
N PHE B 70 18.56 0.15 32.96
CA PHE B 70 18.77 -1.30 33.04
C PHE B 70 19.49 -1.79 31.82
N PRO B 71 20.41 -2.78 32.00
CA PRO B 71 21.12 -3.38 30.86
C PRO B 71 20.21 -4.30 30.06
N CYS B 72 20.30 -4.26 28.74
CA CYS B 72 19.52 -5.23 27.95
C CYS B 72 20.00 -5.40 26.52
N ASP B 73 20.75 -6.47 26.32
CA ASP B 73 21.08 -6.98 25.03
C ASP B 73 19.95 -7.87 24.52
N VAL B 74 19.28 -7.43 23.45
CA VAL B 74 18.09 -8.12 22.96
C VAL B 74 18.41 -9.39 22.18
N ALA B 75 19.71 -9.64 21.99
CA ALA B 75 20.19 -10.91 21.49
C ALA B 75 19.96 -12.00 22.54
N ASP B 76 19.73 -11.61 23.80
CA ASP B 76 19.84 -12.54 24.93
C ASP B 76 18.51 -12.63 25.67
N ASP B 77 17.84 -13.78 25.58
CA ASP B 77 16.57 -14.03 26.26
C ASP B 77 16.61 -13.70 27.78
N ALA B 78 17.69 -14.11 28.45
CA ALA B 78 17.81 -13.91 29.90
C ALA B 78 17.76 -12.44 30.21
N GLN B 79 18.51 -11.64 29.46
CA GLN B 79 18.48 -10.19 29.67
C GLN B 79 17.11 -9.57 29.40
N ILE B 80 16.42 -10.00 28.33
CA ILE B 80 15.07 -9.48 28.07
C ILE B 80 14.14 -9.73 29.31
N ASP B 81 14.18 -10.95 29.84
CA ASP B 81 13.38 -11.37 31.02
C ASP B 81 13.74 -10.64 32.30
N ALA B 82 15.02 -10.41 32.50
CA ALA B 82 15.50 -9.74 33.69
C ALA B 82 15.24 -8.22 33.66
N LEU B 83 15.26 -7.63 32.48
CA LEU B 83 14.89 -6.22 32.31
C LEU B 83 13.54 -5.98 32.95
N PHE B 84 12.53 -6.75 32.55
CA PHE B 84 11.19 -6.55 33.09
C PHE B 84 11.04 -6.91 34.55
N ALA B 85 11.73 -7.98 34.98
CA ALA B 85 11.87 -8.29 36.41
C ALA B 85 12.46 -7.11 37.20
N SER B 86 13.59 -6.56 36.76
CA SER B 86 14.11 -5.35 37.40
C SER B 86 13.11 -4.18 37.35
N LEU B 87 12.50 -3.94 36.18
CA LEU B 87 11.61 -2.79 36.04
C LEU B 87 10.46 -2.92 37.05
N LYS B 88 10.04 -4.15 37.30
CA LYS B 88 8.88 -4.41 38.13
C LYS B 88 9.14 -4.05 39.61
N THR B 89 10.39 -4.18 40.06
CA THR B 89 10.70 -3.80 41.44
C THR B 89 10.53 -2.28 41.65
N HIS B 90 10.46 -1.50 40.55
CA HIS B 90 10.32 -0.05 40.64
C HIS B 90 8.97 0.38 40.25
N TRP B 91 8.45 -0.24 39.20
CA TRP B 91 7.16 0.17 38.70
C TRP B 91 6.20 -0.96 38.74
N ASP B 92 5.11 -0.62 39.34
CA ASP B 92 3.92 -1.35 39.32
C ASP B 92 3.53 -1.82 37.90
N SER B 93 3.50 -0.88 36.97
CA SER B 93 2.97 -1.14 35.63
C SER B 93 3.75 -0.30 34.64
N LEU B 94 3.55 -0.59 33.36
CA LEU B 94 4.28 0.10 32.30
C LEU B 94 3.24 0.61 31.32
N ASP B 95 3.33 1.89 30.96
CA ASP B 95 2.38 2.49 30.00
C ASP B 95 2.98 2.65 28.61
N GLY B 96 4.31 2.76 28.51
CA GLY B 96 4.94 2.92 27.21
C GLY B 96 6.17 2.09 27.02
N LEU B 97 6.35 1.61 25.79
CA LEU B 97 7.57 0.96 25.40
C LEU B 97 8.06 1.52 24.09
N VAL B 98 9.30 2.02 24.05
CA VAL B 98 9.90 2.56 22.83
C VAL B 98 11.05 1.63 22.41
N HIS B 99 10.82 0.97 21.27
CA HIS B 99 11.77 0.07 20.63
C HIS B 99 12.45 0.84 19.57
N SER B 100 13.73 1.13 19.75
CA SER B 100 14.42 1.91 18.78
C SER B 100 15.75 1.27 18.58
N ILE B 101 15.74 0.08 18.00
CA ILE B 101 16.98 -0.70 17.87
C ILE B 101 16.98 -1.44 16.54
N GLY B 102 18.12 -1.50 15.88
CA GLY B 102 18.17 -2.16 14.59
C GLY B 102 19.61 -2.27 14.23
N PHE B 103 19.97 -3.39 13.62
CA PHE B 103 21.36 -3.69 13.33
C PHE B 103 21.43 -4.83 12.30
N ALA B 104 22.28 -4.66 11.29
CA ALA B 104 22.76 -5.78 10.47
C ALA B 104 24.26 -5.59 10.27
N PRO B 105 25.01 -6.64 10.10
CA PRO B 105 26.39 -6.42 9.81
C PRO B 105 26.52 -5.51 8.62
N ARG B 106 27.48 -4.65 8.77
CA ARG B 106 27.93 -3.68 7.83
C ARG B 106 27.90 -4.08 6.37
N GLU B 107 28.36 -5.26 6.05
CA GLU B 107 28.42 -5.64 4.68
C GLU B 107 27.08 -5.91 4.07
N ALA B 108 26.13 -6.26 4.91
CA ALA B 108 24.80 -6.52 4.49
C ALA B 108 24.06 -5.25 4.18
N ILE B 109 24.65 -4.11 4.50
CA ILE B 109 24.05 -2.81 4.17
C ILE B 109 24.93 -1.89 3.37
N ALA B 110 25.79 -2.45 2.60
CA ALA B 110 26.61 -1.68 1.74
C ALA B 110 26.65 -2.37 0.40
N GLY B 111 26.68 -1.64 -0.68
CA GLY B 111 26.90 -2.28 -1.97
C GLY B 111 25.66 -3.02 -2.42
N ASP B 112 25.92 -4.08 -3.15
CA ASP B 112 24.86 -4.81 -3.78
C ASP B 112 24.21 -5.71 -2.71
N PHE B 113 22.89 -5.85 -2.81
CA PHE B 113 22.16 -6.67 -1.85
C PHE B 113 22.69 -8.11 -1.78
N LEU B 114 22.86 -8.79 -2.91
CA LEU B 114 23.38 -10.18 -2.87
C LEU B 114 24.82 -10.30 -2.34
N ASP B 115 25.62 -9.28 -2.63
CA ASP B 115 27.01 -9.24 -2.12
C ASP B 115 27.18 -9.42 -0.62
N GLY B 116 26.40 -8.71 0.19
CA GLY B 116 26.42 -8.91 1.63
C GLY B 116 25.31 -9.79 2.21
N LEU B 117 24.65 -10.60 1.37
CA LEU B 117 23.71 -11.64 1.81
C LEU B 117 24.42 -12.93 2.21
N THR B 118 24.29 -13.32 3.48
CA THR B 118 24.71 -14.64 3.98
C THR B 118 23.64 -15.05 4.98
N ARG B 119 23.55 -16.33 5.28
CA ARG B 119 22.56 -16.81 6.24
C ARG B 119 22.70 -16.17 7.63
N GLU B 120 23.94 -16.03 8.09
CA GLU B 120 24.23 -15.44 9.37
C GLU B 120 23.92 -13.90 9.42
N ASN B 121 24.25 -13.20 8.32
CA ASN B 121 23.94 -11.76 8.22
C ASN B 121 22.41 -11.56 8.26
N PHE B 122 21.71 -12.42 7.51
CA PHE B 122 20.27 -12.40 7.46
C PHE B 122 19.71 -12.67 8.89
N ARG B 123 20.25 -13.70 9.55
CA ARG B 123 19.78 -14.13 10.85
C ARG B 123 19.95 -13.00 11.86
N ILE B 124 21.17 -12.43 11.91
CA ILE B 124 21.48 -11.33 12.84
C ILE B 124 20.58 -10.12 12.60
N ALA B 125 20.40 -9.75 11.34
CA ALA B 125 19.57 -8.56 11.03
C ALA B 125 18.14 -8.71 11.57
N HIS B 126 17.54 -9.87 11.37
CA HIS B 126 16.12 -10.12 11.70
C HIS B 126 15.91 -10.37 13.20
N ASP B 127 16.85 -11.11 13.79
CA ASP B 127 16.89 -11.34 15.24
C ASP B 127 16.93 -9.99 15.99
N ILE B 128 17.93 -9.15 15.73
CA ILE B 128 18.04 -7.86 16.41
C ILE B 128 17.07 -6.79 15.94
N SER B 129 16.77 -6.74 14.65
CA SER B 129 15.94 -5.63 14.16
C SER B 129 14.45 -5.92 14.14
N ALA B 130 14.05 -7.19 14.05
CA ALA B 130 12.58 -7.46 14.02
C ALA B 130 12.12 -8.23 15.22
N TYR B 131 12.75 -9.38 15.45
CA TYR B 131 12.33 -10.29 16.50
C TYR B 131 12.26 -9.60 17.85
N SER B 132 13.23 -8.73 18.10
CA SER B 132 13.38 -8.10 19.41
C SER B 132 12.13 -7.23 19.81
N PHE B 133 11.32 -6.83 18.85
CA PHE B 133 10.22 -5.96 19.22
C PHE B 133 9.11 -6.79 19.90
N PRO B 134 8.51 -7.76 19.18
CA PRO B 134 7.48 -8.59 19.83
C PRO B 134 8.01 -9.37 21.03
N ALA B 135 9.32 -9.60 21.12
CA ALA B 135 9.92 -10.27 22.28
C ALA B 135 9.93 -9.33 23.51
N LEU B 136 10.30 -8.08 23.34
CA LEU B 136 10.14 -7.13 24.43
C LEU B 136 8.67 -7.04 24.88
N ALA B 137 7.77 -6.92 23.90
CA ALA B 137 6.33 -6.86 24.22
C ALA B 137 5.86 -8.08 24.95
N LYS B 138 6.32 -9.25 24.53
CA LYS B 138 5.91 -10.48 25.24
C LYS B 138 6.47 -10.52 26.68
N ALA B 139 7.73 -10.18 26.84
CA ALA B 139 8.35 -10.09 28.18
C ALA B 139 7.69 -9.00 29.08
N ALA B 140 7.19 -7.92 28.46
CA ALA B 140 6.52 -6.81 29.17
C ALA B 140 5.05 -7.09 29.58
N LEU B 141 4.39 -7.97 28.82
CA LEU B 141 2.93 -8.22 28.87
C LEU B 141 2.33 -8.22 30.27
N PRO B 142 2.86 -9.04 31.22
CA PRO B 142 2.24 -9.09 32.57
C PRO B 142 2.21 -7.77 33.35
N MET B 143 3.00 -6.77 32.97
CA MET B 143 2.92 -5.45 33.64
C MET B 143 2.32 -4.30 32.80
N LEU B 144 1.89 -4.59 31.58
CA LEU B 144 1.30 -3.55 30.73
C LEU B 144 0.00 -3.06 31.37
N SER B 145 -0.18 -1.74 31.39
CA SER B 145 -1.42 -1.14 31.86
C SER B 145 -2.56 -1.38 30.87
N ASP B 146 -3.77 -1.05 31.22
CA ASP B 146 -4.89 -1.30 30.34
C ASP B 146 -5.02 -0.34 29.19
N ASP B 147 -4.09 0.61 29.11
CA ASP B 147 -4.02 1.47 27.92
C ASP B 147 -2.57 1.73 27.43
N ALA B 148 -1.67 0.80 27.72
CA ALA B 148 -0.28 0.81 27.28
C ALA B 148 -0.15 0.96 25.76
N SER B 149 1.00 1.51 25.34
CA SER B 149 1.30 1.82 23.94
C SER B 149 2.75 1.46 23.61
N LEU B 150 2.91 0.58 22.65
CA LEU B 150 4.24 0.11 22.25
C LEU B 150 4.56 0.71 20.88
N LEU B 151 5.78 1.20 20.76
CA LEU B 151 6.13 2.00 19.63
C LEU B 151 7.50 1.55 19.10
N THR B 152 7.58 1.25 17.80
CA THR B 152 8.85 0.88 17.18
C THR B 152 9.20 1.87 16.07
N LEU B 153 10.46 1.93 15.71
CA LEU B 153 10.87 2.79 14.62
C LEU B 153 11.22 1.93 13.41
N SER B 154 10.66 2.30 12.26
CA SER B 154 10.99 1.63 11.02
C SER B 154 11.49 2.67 10.03
N TYR B 155 11.62 2.30 8.78
CA TYR B 155 12.10 3.24 7.77
C TYR B 155 11.53 2.84 6.41
N LEU B 156 11.50 3.80 5.50
CA LEU B 156 10.91 3.63 4.18
C LEU B 156 11.44 2.41 3.43
N GLY B 157 12.67 1.99 3.71
CA GLY B 157 13.27 0.82 3.05
C GLY B 157 12.41 -0.47 3.20
N ALA B 158 11.50 -0.49 4.16
CA ALA B 158 10.56 -1.64 4.30
C ALA B 158 9.64 -1.68 3.11
N GLU B 159 9.29 -0.48 2.59
CA GLU B 159 8.23 -0.34 1.60
C GLU B 159 8.72 -0.44 0.13
N ARG B 160 9.81 0.26 -0.17
CA ARG B 160 10.38 0.28 -1.51
C ARG B 160 11.88 0.04 -1.33
N ALA B 161 12.54 -0.46 -2.38
CA ALA B 161 13.99 -0.67 -2.31
C ALA B 161 14.74 0.67 -2.40
N ILE B 162 15.53 0.86 -1.38
CA ILE B 162 16.44 1.95 -1.22
C ILE B 162 17.85 1.40 -1.31
N PRO B 163 18.70 2.10 -2.02
CA PRO B 163 20.00 1.63 -2.44
C PRO B 163 21.02 0.98 -1.54
N ASN B 164 21.25 1.33 -0.35
CA ASN B 164 22.16 0.29 0.26
C ASN B 164 21.50 -0.43 1.39
N TYR B 165 20.25 -0.12 1.49
CA TYR B 165 19.41 -0.57 2.61
C TYR B 165 19.28 -2.11 2.70
N ASN B 166 19.17 -2.78 1.56
CA ASN B 166 19.40 -4.21 1.47
C ASN B 166 18.79 -5.02 2.61
N THR B 167 19.61 -5.78 3.33
CA THR B 167 19.11 -6.75 4.31
C THR B 167 18.20 -6.10 5.32
N MET B 168 18.40 -4.80 5.55
CA MET B 168 17.65 -4.07 6.55
C MET B 168 16.23 -3.72 6.07
N GLY B 169 16.03 -3.76 4.76
CA GLY B 169 14.67 -3.55 4.22
C GLY B 169 13.79 -4.71 4.58
N LEU B 170 14.39 -5.89 4.52
CA LEU B 170 13.72 -7.18 4.83
C LEU B 170 13.37 -7.23 6.30
N ALA B 171 14.27 -6.75 7.13
CA ALA B 171 14.09 -6.79 8.58
C ALA B 171 13.03 -5.77 8.95
N LYS B 172 13.07 -4.56 8.36
CA LYS B 172 12.02 -3.56 8.63
C LYS B 172 10.65 -4.03 8.11
N ALA B 173 10.60 -4.75 7.00
CA ALA B 173 9.28 -5.27 6.54
C ALA B 173 8.67 -6.25 7.57
N ALA B 174 9.51 -7.11 8.13
CA ALA B 174 9.02 -8.07 9.15
C ALA B 174 8.57 -7.26 10.36
N LEU B 175 9.34 -6.25 10.73
CA LEU B 175 9.03 -5.46 11.92
C LEU B 175 7.66 -4.78 11.77
N GLU B 176 7.38 -4.30 10.56
CA GLU B 176 6.12 -3.62 10.30
C GLU B 176 4.98 -4.66 10.35
N ALA B 177 5.23 -5.88 9.92
CA ALA B 177 4.22 -6.92 10.01
C ALA B 177 3.99 -7.29 11.50
N SER B 178 5.05 -7.28 12.31
CA SER B 178 4.93 -7.56 13.74
C SER B 178 4.07 -6.46 14.47
N VAL B 179 4.21 -5.19 14.09
CA VAL B 179 3.28 -4.15 14.58
C VAL B 179 1.81 -4.63 14.44
N ARG B 180 1.48 -5.22 13.28
CA ARG B 180 0.10 -5.61 13.00
C ARG B 180 -0.31 -6.82 13.82
N TYR B 181 0.58 -7.82 13.85
CA TYR B 181 0.36 -9.01 14.67
C TYR B 181 0.31 -8.66 16.16
N LEU B 182 1.19 -7.77 16.58
CA LEU B 182 1.19 -7.37 17.98
C LEU B 182 -0.12 -6.66 18.29
N ALA B 183 -0.60 -5.85 17.34
CA ALA B 183 -1.82 -5.06 17.56
C ALA B 183 -3.06 -5.95 17.72
N VAL B 184 -3.17 -7.00 16.92
CA VAL B 184 -4.24 -7.95 17.11
C VAL B 184 -4.04 -8.73 18.44
N SER B 185 -2.80 -9.20 18.69
CA SER B 185 -2.55 -10.08 19.83
C SER B 185 -2.80 -9.36 21.18
N LEU B 186 -2.40 -8.09 21.30
CA LEU B 186 -2.52 -7.38 22.57
C LEU B 186 -3.76 -6.52 22.72
N GLY B 187 -4.48 -6.31 21.61
CA GLY B 187 -5.41 -5.22 21.49
C GLY B 187 -6.66 -5.41 22.30
N ALA B 188 -7.07 -6.67 22.51
CA ALA B 188 -8.30 -6.91 23.28
C ALA B 188 -8.18 -6.41 24.73
N LYS B 189 -6.97 -6.43 25.27
CA LYS B 189 -6.70 -5.92 26.61
C LYS B 189 -6.35 -4.36 26.61
N GLY B 190 -6.62 -3.69 25.50
CA GLY B 190 -6.49 -2.25 25.47
C GLY B 190 -5.12 -1.76 25.03
N VAL B 191 -4.26 -2.66 24.60
CA VAL B 191 -2.89 -2.26 24.30
C VAL B 191 -2.72 -1.90 22.81
N ARG B 192 -2.11 -0.74 22.59
CA ARG B 192 -1.91 -0.21 21.25
C ARG B 192 -0.49 -0.50 20.77
N VAL B 193 -0.33 -0.66 19.46
CA VAL B 193 1.00 -0.99 18.90
C VAL B 193 1.14 -0.25 17.57
N ASN B 194 2.19 0.56 17.43
CA ASN B 194 2.44 1.33 16.21
C ASN B 194 3.92 1.46 15.91
N ALA B 195 4.19 1.80 14.66
CA ALA B 195 5.53 2.18 14.22
C ALA B 195 5.50 3.61 13.75
N ILE B 196 6.62 4.29 13.95
CA ILE B 196 6.87 5.51 13.18
C ILE B 196 7.93 5.15 12.16
N SER B 197 7.62 5.46 10.90
CA SER B 197 8.54 5.26 9.78
C SER B 197 9.23 6.60 9.60
N ALA B 198 10.36 6.75 10.30
CA ALA B 198 11.07 8.04 10.39
C ALA B 198 11.86 8.22 9.13
N GLY B 199 11.86 9.43 8.58
CA GLY B 199 12.84 9.83 7.60
C GLY B 199 14.28 9.73 8.15
N PRO B 200 15.27 9.77 7.25
CA PRO B 200 16.62 9.54 7.75
C PRO B 200 17.08 10.64 8.71
N ILE B 201 17.82 10.22 9.75
CA ILE B 201 18.35 11.15 10.76
C ILE B 201 19.84 10.92 11.00
N LYS B 202 20.59 11.97 11.05
CA LYS B 202 22.01 11.90 11.15
C LYS B 202 22.54 11.62 12.56
N THR B 203 23.17 10.48 12.72
CA THR B 203 23.81 10.11 13.97
C THR B 203 25.29 9.79 13.67
N LEU B 204 26.10 9.52 14.66
CA LEU B 204 27.46 9.18 14.36
C LEU B 204 27.58 7.87 13.61
N ALA B 205 26.59 7.02 13.76
CA ALA B 205 26.53 5.74 13.05
C ALA B 205 26.37 5.85 11.57
N ALA B 206 25.66 6.85 11.11
CA ALA B 206 25.36 6.91 9.73
C ALA B 206 26.59 7.26 8.98
N SER B 207 27.62 7.66 9.69
CA SER B 207 28.72 8.31 8.99
C SER B 207 30.03 7.50 8.99
N GLY B 208 30.12 6.44 8.16
CA GLY B 208 29.05 5.99 7.28
C GLY B 208 29.10 4.47 7.14
N ILE B 209 28.20 3.86 6.37
CA ILE B 209 27.11 4.45 5.52
C ILE B 209 27.42 5.50 4.46
N LYS B 210 28.04 5.09 3.38
CA LYS B 210 28.57 6.01 2.38
C LYS B 210 27.55 6.89 1.66
N SER B 211 26.34 6.40 1.47
CA SER B 211 25.34 7.16 0.77
C SER B 211 24.53 8.18 1.55
N PHE B 212 24.80 8.28 2.85
CA PHE B 212 23.92 8.98 3.75
C PHE B 212 23.77 10.48 3.46
N GLY B 213 24.86 11.14 3.13
CA GLY B 213 24.75 12.54 2.76
C GLY B 213 23.93 12.79 1.51
N LYS B 214 24.08 11.88 0.53
CA LYS B 214 23.31 11.90 -0.72
C LYS B 214 21.81 11.72 -0.47
N ILE B 215 21.46 10.75 0.38
CA ILE B 215 20.07 10.54 0.82
C ILE B 215 19.59 11.82 1.45
N LEU B 216 20.33 12.36 2.42
CA LEU B 216 19.87 13.58 3.09
C LEU B 216 19.61 14.73 2.11
N ASP B 217 20.48 14.90 1.11
CA ASP B 217 20.32 16.00 0.12
C ASP B 217 19.08 15.80 -0.77
N PHE B 218 18.92 14.57 -1.26
CA PHE B 218 17.76 14.19 -2.04
C PHE B 218 16.40 14.36 -1.28
N VAL B 219 16.35 13.92 -0.03
CA VAL B 219 15.15 14.11 0.80
C VAL B 219 14.88 15.60 0.97
N GLU B 220 15.93 16.38 1.22
CA GLU B 220 15.80 17.87 1.32
C GLU B 220 15.34 18.54 0.01
N SER B 221 15.84 18.13 -1.14
CA SER B 221 15.37 18.74 -2.40
C SER B 221 13.98 18.27 -2.83
N ASN B 222 13.59 17.05 -2.47
CA ASN B 222 12.40 16.42 -3.03
C ASN B 222 11.21 16.19 -2.10
N SER B 223 11.47 16.08 -0.81
CA SER B 223 10.38 15.97 0.12
C SER B 223 9.39 17.14 -0.06
N PRO B 224 8.09 16.88 0.21
CA PRO B 224 7.08 17.92 0.16
C PRO B 224 7.44 19.21 0.94
N LEU B 225 7.89 19.05 2.18
CA LEU B 225 8.40 20.14 3.02
C LEU B 225 9.84 20.65 2.77
N LYS B 226 10.53 20.12 1.76
CA LYS B 226 11.87 20.57 1.41
C LYS B 226 12.83 20.66 2.60
N ARG B 227 12.74 19.70 3.51
CA ARG B 227 13.65 19.68 4.64
C ARG B 227 13.69 18.26 5.18
N ASN B 228 14.81 17.90 5.80
CA ASN B 228 14.92 16.64 6.50
C ASN B 228 14.16 16.69 7.81
N VAL B 229 13.82 15.55 8.38
CA VAL B 229 13.10 15.55 9.65
C VAL B 229 14.07 15.74 10.80
N THR B 230 13.53 16.24 11.91
CA THR B 230 14.33 16.48 13.12
C THR B 230 13.89 15.45 14.17
N ILE B 231 14.74 15.27 15.18
CA ILE B 231 14.45 14.23 16.19
C ILE B 231 13.34 14.75 17.08
N GLU B 232 13.27 16.07 17.18
CA GLU B 232 12.17 16.74 17.81
C GLU B 232 10.86 16.46 17.13
N GLN B 233 10.83 16.53 15.80
CA GLN B 233 9.60 16.14 15.06
C GLN B 233 9.21 14.66 15.28
N VAL B 234 10.21 13.77 15.16
CA VAL B 234 9.99 12.32 15.35
C VAL B 234 9.60 12.07 16.84
N GLY B 235 10.27 12.79 17.74
CA GLY B 235 10.00 12.74 19.18
C GLY B 235 8.60 13.16 19.56
N ASN B 236 8.12 14.26 19.00
CA ASN B 236 6.76 14.71 19.20
C ASN B 236 5.70 13.75 18.64
N ALA B 237 5.94 13.21 17.47
CA ALA B 237 5.01 12.22 16.96
C ALA B 237 5.02 10.97 17.85
N GLY B 238 6.20 10.59 18.30
CA GLY B 238 6.31 9.42 19.17
C GLY B 238 5.52 9.64 20.44
N ALA B 239 5.66 10.85 20.98
CA ALA B 239 5.01 11.27 22.22
C ALA B 239 3.47 11.17 22.06
N PHE B 240 2.98 11.59 20.90
CA PHE B 240 1.56 11.54 20.56
C PHE B 240 1.07 10.09 20.57
N LEU B 241 1.72 9.22 19.80
CA LEU B 241 1.35 7.76 19.71
C LEU B 241 1.36 7.07 21.06
N LEU B 242 2.28 7.49 21.92
CA LEU B 242 2.37 6.92 23.23
C LEU B 242 1.23 7.44 24.15
N SER B 243 0.54 8.52 23.76
CA SER B 243 -0.47 9.18 24.67
C SER B 243 -1.88 8.73 24.45
N ASP B 244 -2.75 9.12 25.38
CA ASP B 244 -4.19 8.87 25.18
C ASP B 244 -4.76 9.71 24.04
N LEU B 245 -3.99 10.69 23.54
CA LEU B 245 -4.40 11.45 22.34
C LEU B 245 -4.55 10.49 21.14
N ALA B 246 -3.75 9.45 21.11
CA ALA B 246 -3.81 8.48 20.03
C ALA B 246 -4.58 7.21 20.39
N SER B 247 -5.53 7.26 21.31
CA SER B 247 -6.10 5.97 21.75
C SER B 247 -6.99 5.30 20.72
N GLY B 248 -7.28 6.06 19.66
CA GLY B 248 -7.93 5.47 18.50
C GLY B 248 -6.96 4.84 17.50
N VAL B 249 -5.65 5.01 17.74
CA VAL B 249 -4.64 4.64 16.76
C VAL B 249 -3.87 3.36 17.11
N THR B 250 -3.99 2.34 16.25
CA THR B 250 -3.17 1.13 16.43
C THR B 250 -2.97 0.39 15.12
N ALA B 251 -1.91 -0.41 15.11
CA ALA B 251 -1.43 -1.13 13.95
C ALA B 251 -1.05 -0.23 12.79
N GLU B 252 -0.73 1.03 13.13
CA GLU B 252 -0.31 2.04 12.18
C GLU B 252 1.22 2.17 11.95
N VAL B 253 1.61 2.36 10.69
CA VAL B 253 2.96 2.74 10.33
C VAL B 253 2.83 4.19 9.86
N MET B 254 3.14 5.13 10.74
CA MET B 254 2.99 6.54 10.47
C MET B 254 4.32 7.15 9.97
N HIS B 255 4.25 7.79 8.80
CA HIS B 255 5.44 8.45 8.27
C HIS B 255 5.70 9.75 8.96
N VAL B 256 6.89 9.90 9.52
CA VAL B 256 7.37 11.20 10.01
C VAL B 256 8.67 11.46 9.26
N ASP B 257 8.51 12.04 8.07
CA ASP B 257 9.59 12.07 7.08
C ASP B 257 9.42 13.23 6.14
N SER B 258 8.72 14.29 6.57
CA SER B 258 8.50 15.50 5.75
C SER B 258 7.68 15.19 4.48
N GLY B 259 6.92 14.09 4.47
CA GLY B 259 6.10 13.68 3.31
C GLY B 259 6.88 12.94 2.23
N PHE B 260 8.15 12.64 2.49
CA PHE B 260 9.04 12.14 1.44
C PHE B 260 8.56 10.87 0.79
N ASN B 261 8.01 9.97 1.60
CA ASN B 261 7.49 8.70 1.11
C ASN B 261 6.43 8.85 0.05
N ALA B 262 5.69 9.97 0.04
CA ALA B 262 4.49 10.08 -0.78
C ALA B 262 4.72 10.68 -2.16
N VAL B 263 5.98 10.84 -2.53
CA VAL B 263 6.31 11.47 -3.80
C VAL B 263 7.18 10.58 -4.65
N VAL B 264 7.28 10.89 -5.94
CA VAL B 264 8.34 10.34 -6.74
C VAL B 264 9.36 11.45 -7.02
N GLY B 265 10.46 11.42 -6.27
CA GLY B 265 11.42 12.52 -6.27
C GLY B 265 12.42 12.44 -7.37
N GLY B 266 12.94 13.61 -7.77
CA GLY B 266 14.09 13.69 -8.67
C GLY B 266 13.80 13.79 -10.17
N MET B 267 12.54 14.02 -10.54
CA MET B 267 12.12 14.05 -11.95
C MET B 267 11.43 15.36 -12.32
N MET C 10 -4.48 -22.61 -32.15
CA MET C 10 -3.48 -22.58 -31.00
C MET C 10 -3.52 -21.42 -29.95
N GLY C 11 -3.39 -20.11 -30.35
CA GLY C 11 -3.29 -18.89 -29.45
C GLY C 11 -4.21 -18.65 -28.20
N PHE C 12 -3.73 -17.96 -27.17
CA PHE C 12 -4.48 -17.93 -25.90
C PHE C 12 -5.72 -17.00 -25.78
N LEU C 13 -6.09 -16.34 -26.88
CA LEU C 13 -7.29 -15.51 -26.89
C LEU C 13 -8.19 -15.91 -28.04
N ASP C 14 -8.00 -17.17 -28.51
CA ASP C 14 -8.72 -17.72 -29.69
C ASP C 14 -10.22 -17.50 -29.60
N GLY C 15 -10.80 -16.83 -30.58
CA GLY C 15 -12.25 -16.63 -30.62
C GLY C 15 -12.77 -15.58 -29.63
N LYS C 16 -11.88 -14.95 -28.88
CA LYS C 16 -12.30 -13.92 -27.91
C LYS C 16 -12.63 -12.63 -28.63
N ARG C 17 -13.74 -12.00 -28.29
CA ARG C 17 -14.09 -10.76 -29.00
C ARG C 17 -13.87 -9.56 -28.12
N ILE C 18 -12.96 -8.69 -28.55
CA ILE C 18 -12.46 -7.63 -27.69
C ILE C 18 -12.63 -6.25 -28.32
N LEU C 19 -13.17 -5.31 -27.53
CA LEU C 19 -13.39 -3.91 -27.95
C LEU C 19 -12.32 -3.03 -27.35
N LEU C 20 -11.63 -2.26 -28.19
CA LEU C 20 -10.61 -1.31 -27.71
C LEU C 20 -10.96 0.15 -27.92
N THR C 21 -10.93 0.89 -26.82
CA THR C 21 -11.05 2.33 -26.78
C THR C 21 -9.66 2.93 -26.58
N GLY C 22 -9.51 4.18 -27.00
CA GLY C 22 -8.27 4.92 -26.73
C GLY C 22 -7.14 4.77 -27.72
N LEU C 23 -7.34 4.09 -28.85
CA LEU C 23 -6.28 4.02 -29.85
C LEU C 23 -6.15 5.36 -30.61
N LEU C 24 -4.99 5.98 -30.53
CA LEU C 24 -4.77 7.27 -31.17
C LEU C 24 -3.67 7.23 -32.21
N SER C 25 -2.62 6.44 -31.97
CA SER C 25 -1.51 6.28 -32.93
C SER C 25 -0.87 4.92 -32.81
N ASN C 26 -0.01 4.60 -33.76
CA ASN C 26 0.74 3.35 -33.70
C ASN C 26 1.66 3.25 -32.48
N ARG C 27 1.67 4.29 -31.64
CA ARG C 27 2.49 4.31 -30.41
C ARG C 27 1.64 4.25 -29.12
N SER C 28 0.32 4.25 -29.27
CA SER C 28 -0.60 4.01 -28.19
C SER C 28 -0.42 2.65 -27.48
N ILE C 29 -0.77 2.62 -26.19
CA ILE C 29 -0.78 1.39 -25.44
C ILE C 29 -1.85 0.50 -26.08
N ALA C 30 -3.03 1.06 -26.36
CA ALA C 30 -4.10 0.30 -27.01
C ALA C 30 -3.58 -0.31 -28.33
N TYR C 31 -2.59 0.33 -28.95
CA TYR C 31 -2.06 -0.28 -30.16
C TYR C 31 -1.27 -1.53 -29.83
N GLY C 32 -0.50 -1.46 -28.74
CA GLY C 32 0.31 -2.60 -28.28
C GLY C 32 -0.56 -3.76 -27.82
N ILE C 33 -1.62 -3.42 -27.09
CA ILE C 33 -2.56 -4.42 -26.66
C ILE C 33 -3.27 -5.03 -27.85
N ALA C 34 -3.68 -4.20 -28.81
CA ALA C 34 -4.37 -4.67 -30.02
C ALA C 34 -3.44 -5.64 -30.76
N LYS C 35 -2.17 -5.27 -30.94
CA LYS C 35 -1.27 -6.14 -31.67
C LYS C 35 -1.16 -7.49 -30.96
N ALA C 36 -1.03 -7.48 -29.64
CA ALA C 36 -0.82 -8.70 -28.90
C ALA C 36 -2.09 -9.57 -28.86
N CYS C 37 -3.24 -8.92 -28.69
CA CYS C 37 -4.48 -9.67 -28.70
C CYS C 37 -4.69 -10.38 -30.02
N LYS C 38 -4.40 -9.70 -31.13
CA LYS C 38 -4.65 -10.25 -32.47
C LYS C 38 -3.74 -11.46 -32.73
N ARG C 39 -2.44 -11.32 -32.42
CA ARG C 39 -1.49 -12.44 -32.40
C ARG C 39 -1.95 -13.65 -31.57
N GLU C 40 -2.66 -13.42 -30.48
CA GLU C 40 -3.12 -14.55 -29.67
C GLU C 40 -4.50 -15.03 -30.08
N GLY C 41 -5.00 -14.48 -31.19
CA GLY C 41 -6.23 -14.99 -31.84
C GLY C 41 -7.56 -14.30 -31.57
N ALA C 42 -7.53 -13.10 -30.98
CA ALA C 42 -8.78 -12.35 -30.71
C ALA C 42 -9.38 -11.77 -32.00
N GLU C 43 -10.68 -11.53 -31.97
CA GLU C 43 -11.38 -10.67 -32.93
C GLU C 43 -11.49 -9.30 -32.23
N LEU C 44 -11.17 -8.22 -32.95
CA LEU C 44 -11.11 -6.87 -32.42
C LEU C 44 -12.18 -5.91 -32.95
N ALA C 45 -12.56 -4.93 -32.11
CA ALA C 45 -13.37 -3.78 -32.48
C ALA C 45 -12.78 -2.56 -31.86
N PHE C 46 -13.00 -1.39 -32.48
CA PHE C 46 -12.44 -0.13 -32.02
C PHE C 46 -13.43 1.02 -31.94
N THR C 47 -13.21 1.92 -30.98
CA THR C 47 -13.85 3.23 -30.96
C THR C 47 -12.98 4.38 -31.44
N TYR C 48 -13.63 5.44 -31.91
CA TYR C 48 -12.97 6.71 -32.20
C TYR C 48 -13.82 7.85 -31.63
N VAL C 49 -13.21 9.02 -31.44
CA VAL C 49 -13.88 10.21 -30.93
C VAL C 49 -14.06 11.20 -32.08
N GLY C 50 -15.16 11.06 -32.83
CA GLY C 50 -15.60 12.06 -33.80
C GLY C 50 -15.07 11.77 -35.18
N ASP C 51 -15.78 12.31 -36.16
CA ASP C 51 -15.39 12.21 -37.52
C ASP C 51 -13.92 12.65 -37.75
N ARG C 52 -13.44 13.61 -36.96
CA ARG C 52 -12.03 14.04 -37.06
C ARG C 52 -11.03 12.87 -36.95
N PHE C 53 -11.36 11.85 -36.17
CA PHE C 53 -10.46 10.71 -36.03
C PHE C 53 -11.00 9.47 -36.73
N LYS C 54 -12.13 9.58 -37.44
CA LYS C 54 -12.70 8.40 -38.08
C LYS C 54 -11.61 7.65 -38.92
N ASP C 55 -10.96 8.37 -39.83
CA ASP C 55 -10.05 7.80 -40.81
C ASP C 55 -8.80 7.07 -40.20
N ARG C 56 -8.17 7.67 -39.19
CA ARG C 56 -6.98 7.06 -38.50
C ARG C 56 -7.40 5.73 -37.92
N ILE C 57 -8.49 5.76 -37.20
CA ILE C 57 -8.93 4.61 -36.47
C ILE C 57 -9.40 3.49 -37.39
N THR C 58 -10.03 3.85 -38.52
CA THR C 58 -10.54 2.85 -39.48
C THR C 58 -9.38 2.12 -40.10
N GLU C 59 -8.31 2.87 -40.26
CA GLU C 59 -7.14 2.38 -40.89
C GLU C 59 -6.34 1.47 -39.95
N PHE C 60 -6.28 1.83 -38.65
CA PHE C 60 -5.73 0.92 -37.63
C PHE C 60 -6.56 -0.35 -37.52
N ALA C 61 -7.87 -0.25 -37.65
CA ALA C 61 -8.66 -1.46 -37.51
C ALA C 61 -8.41 -2.43 -38.65
N ALA C 62 -8.11 -1.86 -39.83
CA ALA C 62 -7.88 -2.64 -41.05
C ALA C 62 -6.58 -3.43 -40.92
N GLU C 63 -5.52 -2.75 -40.51
CA GLU C 63 -4.31 -3.40 -40.09
C GLU C 63 -4.48 -4.65 -39.18
N PHE C 64 -5.47 -4.64 -38.28
CA PHE C 64 -5.77 -5.80 -37.44
C PHE C 64 -6.92 -6.61 -38.02
N GLY C 65 -7.14 -6.52 -39.34
CA GLY C 65 -8.21 -7.28 -39.97
C GLY C 65 -9.61 -6.96 -39.46
N SER C 66 -9.83 -5.75 -38.95
CA SER C 66 -11.16 -5.46 -38.45
C SER C 66 -11.91 -4.38 -39.25
N GLU C 67 -13.24 -4.50 -39.30
CA GLU C 67 -14.12 -3.45 -39.86
C GLU C 67 -15.15 -2.96 -38.86
N LEU C 68 -14.93 -3.20 -37.57
CA LEU C 68 -15.89 -2.78 -36.57
C LEU C 68 -15.33 -1.56 -35.90
N VAL C 69 -15.76 -0.41 -36.40
CA VAL C 69 -15.27 0.82 -35.81
C VAL C 69 -16.46 1.70 -35.50
N PHE C 70 -16.46 2.26 -34.29
CA PHE C 70 -17.62 2.97 -33.81
C PHE C 70 -17.28 4.29 -33.18
N PRO C 71 -18.17 5.28 -33.35
CA PRO C 71 -17.92 6.52 -32.66
C PRO C 71 -18.24 6.34 -31.20
N CYS C 72 -17.39 6.89 -30.33
CA CYS C 72 -17.71 6.99 -28.91
C CYS C 72 -16.92 8.06 -28.17
N ASP C 73 -17.57 9.20 -28.02
CA ASP C 73 -17.07 10.27 -27.18
C ASP C 73 -17.60 9.99 -25.77
N VAL C 74 -16.71 9.57 -24.85
CA VAL C 74 -17.17 9.16 -23.53
C VAL C 74 -17.70 10.26 -22.58
N ALA C 75 -17.75 11.51 -23.04
CA ALA C 75 -18.48 12.60 -22.36
C ALA C 75 -19.96 12.42 -22.57
N ASP C 76 -20.31 11.62 -23.57
CA ASP C 76 -21.70 11.55 -24.05
C ASP C 76 -22.35 10.20 -23.75
N ASP C 77 -23.27 10.21 -22.77
CA ASP C 77 -24.04 8.99 -22.41
C ASP C 77 -24.73 8.28 -23.59
N ALA C 78 -25.45 9.04 -24.43
CA ALA C 78 -26.08 8.52 -25.66
C ALA C 78 -25.09 7.80 -26.62
N GLN C 79 -23.86 8.32 -26.71
CA GLN C 79 -22.84 7.67 -27.55
C GLN C 79 -22.35 6.37 -26.89
N ILE C 80 -22.20 6.39 -25.56
CA ILE C 80 -21.88 5.18 -24.82
C ILE C 80 -22.96 4.07 -25.07
N ASP C 81 -24.23 4.43 -24.96
CA ASP C 81 -25.29 3.45 -25.21
C ASP C 81 -25.36 2.99 -26.64
N ALA C 82 -25.19 3.93 -27.59
CA ALA C 82 -25.33 3.57 -29.01
C ALA C 82 -24.15 2.69 -29.45
N LEU C 83 -22.99 2.91 -28.80
CA LEU C 83 -21.84 1.99 -29.00
C LEU C 83 -22.21 0.51 -28.87
N PHE C 84 -22.77 0.13 -27.74
CA PHE C 84 -23.06 -1.27 -27.51
C PHE C 84 -24.26 -1.78 -28.30
N ALA C 85 -25.20 -0.88 -28.59
CA ALA C 85 -26.30 -1.19 -29.53
C ALA C 85 -25.77 -1.47 -30.94
N SER C 86 -24.75 -0.72 -31.41
CA SER C 86 -24.22 -1.02 -32.74
C SER C 86 -23.37 -2.26 -32.67
N LEU C 87 -22.69 -2.42 -31.54
CA LEU C 87 -21.82 -3.59 -31.32
C LEU C 87 -22.64 -4.86 -31.27
N LYS C 88 -23.82 -4.80 -30.66
CA LYS C 88 -24.73 -5.93 -30.54
C LYS C 88 -25.26 -6.41 -31.90
N THR C 89 -25.34 -5.50 -32.89
CA THR C 89 -25.68 -5.90 -34.27
C THR C 89 -24.58 -6.76 -34.92
N HIS C 90 -23.36 -6.72 -34.40
CA HIS C 90 -22.33 -7.58 -34.96
C HIS C 90 -21.99 -8.76 -34.09
N TRP C 91 -21.89 -8.50 -32.78
CA TRP C 91 -21.51 -9.49 -31.78
C TRP C 91 -22.60 -9.72 -30.79
N ASP C 92 -23.04 -10.97 -30.71
CA ASP C 92 -23.94 -11.41 -29.68
C ASP C 92 -23.42 -11.11 -28.28
N SER C 93 -22.13 -11.30 -28.07
CA SER C 93 -21.57 -11.04 -26.76
C SER C 93 -20.13 -10.54 -26.76
N LEU C 94 -19.75 -9.80 -25.73
CA LEU C 94 -18.42 -9.18 -25.69
C LEU C 94 -17.60 -9.85 -24.59
N ASP C 95 -16.33 -10.21 -24.88
CA ASP C 95 -15.49 -10.98 -23.96
C ASP C 95 -14.48 -10.09 -23.25
N GLY C 96 -14.18 -8.95 -23.88
CA GLY C 96 -13.11 -8.11 -23.42
C GLY C 96 -13.35 -6.65 -23.73
N LEU C 97 -13.02 -5.79 -22.77
CA LEU C 97 -13.06 -4.35 -23.03
C LEU C 97 -11.74 -3.76 -22.59
N VAL C 98 -11.17 -2.91 -23.43
CA VAL C 98 -9.94 -2.22 -23.05
C VAL C 98 -10.20 -0.73 -22.97
N HIS C 99 -9.92 -0.16 -21.80
CA HIS C 99 -10.10 1.29 -21.52
C HIS C 99 -8.76 1.93 -21.41
N SER C 100 -8.47 2.78 -22.35
CA SER C 100 -7.23 3.42 -22.48
C SER C 100 -7.44 4.88 -22.77
N ILE C 101 -8.44 5.43 -22.18
CA ILE C 101 -8.76 6.80 -22.40
C ILE C 101 -8.41 7.55 -21.17
N GLY C 102 -7.75 8.67 -21.34
CA GLY C 102 -7.36 9.51 -20.24
C GLY C 102 -7.10 10.90 -20.75
N PHE C 103 -7.73 11.86 -20.13
CA PHE C 103 -7.58 13.23 -20.48
C PHE C 103 -7.86 14.23 -19.34
N ALA C 104 -7.10 15.30 -19.34
CA ALA C 104 -7.33 16.50 -18.58
C ALA C 104 -7.00 17.70 -19.46
N PRO C 105 -7.68 18.85 -19.34
CA PRO C 105 -7.15 19.96 -20.13
C PRO C 105 -5.67 20.22 -19.81
N ARG C 106 -4.91 20.63 -20.81
CA ARG C 106 -3.44 20.81 -20.71
C ARG C 106 -2.94 21.60 -19.52
N GLU C 107 -3.65 22.67 -19.14
CA GLU C 107 -3.16 23.50 -18.04
C GLU C 107 -3.24 22.76 -16.69
N ALA C 108 -4.07 21.71 -16.62
CA ALA C 108 -4.21 20.93 -15.41
C ALA C 108 -3.09 19.91 -15.22
N ILE C 109 -2.17 19.83 -16.19
CA ILE C 109 -1.02 18.89 -16.12
C ILE C 109 0.32 19.58 -16.46
N ALA C 110 0.49 20.81 -16.07
CA ALA C 110 1.71 21.54 -16.31
C ALA C 110 1.84 22.45 -15.10
N GLY C 111 3.06 22.74 -14.71
CA GLY C 111 3.27 23.66 -13.62
C GLY C 111 2.79 23.08 -12.32
N ASP C 112 2.40 23.97 -11.43
CA ASP C 112 1.95 23.62 -10.11
C ASP C 112 0.48 23.12 -10.10
N PHE C 113 0.23 22.07 -9.30
CA PHE C 113 -1.10 21.48 -9.12
C PHE C 113 -2.16 22.55 -8.79
N LEU C 114 -1.89 23.29 -7.71
CA LEU C 114 -2.82 24.30 -7.18
C LEU C 114 -3.04 25.44 -8.14
N ASP C 115 -1.94 25.97 -8.65
CA ASP C 115 -2.05 27.22 -9.35
C ASP C 115 -2.89 26.93 -10.60
N GLY C 116 -2.70 25.80 -11.27
CA GLY C 116 -3.52 25.48 -12.46
C GLY C 116 -4.84 24.71 -12.30
N LEU C 117 -5.33 24.57 -11.06
CA LEU C 117 -6.55 23.79 -10.75
C LEU C 117 -7.82 24.63 -10.86
N THR C 118 -8.82 24.10 -11.59
CA THR C 118 -10.15 24.71 -11.59
C THR C 118 -11.18 23.60 -11.45
N ARG C 119 -12.39 23.98 -11.09
CA ARG C 119 -13.48 23.00 -10.98
C ARG C 119 -13.83 22.32 -12.30
N GLU C 120 -13.98 23.13 -13.34
CA GLU C 120 -14.07 22.69 -14.74
C GLU C 120 -12.99 21.65 -15.11
N ASN C 121 -11.70 21.99 -14.91
CA ASN C 121 -10.59 21.09 -15.29
C ASN C 121 -10.66 19.81 -14.46
N PHE C 122 -10.93 19.95 -13.16
CA PHE C 122 -11.15 18.80 -12.28
C PHE C 122 -12.33 17.98 -12.82
N ARG C 123 -13.44 18.66 -13.13
CA ARG C 123 -14.66 17.98 -13.63
C ARG C 123 -14.35 17.14 -14.86
N ILE C 124 -13.68 17.74 -15.82
CA ILE C 124 -13.45 17.07 -17.10
C ILE C 124 -12.51 15.85 -16.91
N ALA C 125 -11.43 16.03 -16.15
CA ALA C 125 -10.40 15.02 -15.93
C ALA C 125 -11.04 13.77 -15.38
N HIS C 126 -11.89 13.95 -14.37
CA HIS C 126 -12.55 12.84 -13.67
C HIS C 126 -13.65 12.18 -14.49
N ASP C 127 -14.42 13.02 -15.21
CA ASP C 127 -15.39 12.56 -16.16
C ASP C 127 -14.76 11.64 -17.22
N ILE C 128 -13.74 12.14 -17.93
CA ILE C 128 -13.17 11.41 -19.07
C ILE C 128 -12.28 10.27 -18.60
N SER C 129 -11.51 10.50 -17.54
CA SER C 129 -10.48 9.58 -17.13
C SER C 129 -10.94 8.59 -16.07
N ALA C 130 -12.01 8.85 -15.34
CA ALA C 130 -12.36 7.89 -14.31
C ALA C 130 -13.77 7.36 -14.51
N TYR C 131 -14.76 8.25 -14.42
CA TYR C 131 -16.12 7.85 -14.61
C TYR C 131 -16.31 6.96 -15.83
N SER C 132 -15.66 7.27 -16.94
CA SER C 132 -15.95 6.64 -18.21
C SER C 132 -15.73 5.12 -18.23
N PHE C 133 -14.89 4.59 -17.35
CA PHE C 133 -14.61 3.16 -17.31
C PHE C 133 -15.77 2.35 -16.67
N PRO C 134 -16.22 2.73 -15.44
CA PRO C 134 -17.43 2.03 -15.03
C PRO C 134 -18.66 2.34 -15.90
N ALA C 135 -18.69 3.51 -16.53
CA ALA C 135 -19.81 3.85 -17.43
C ALA C 135 -19.82 2.94 -18.64
N LEU C 136 -18.67 2.69 -19.28
CA LEU C 136 -18.67 1.70 -20.40
C LEU C 136 -19.07 0.33 -19.90
N ALA C 137 -18.58 0.02 -18.69
CA ALA C 137 -18.81 -1.26 -18.08
C ALA C 137 -20.31 -1.54 -17.89
N LYS C 138 -21.01 -0.55 -17.31
CA LYS C 138 -22.45 -0.63 -17.11
C LYS C 138 -23.22 -0.77 -18.44
N ALA C 139 -22.91 0.07 -19.41
CA ALA C 139 -23.54 -0.02 -20.73
C ALA C 139 -23.20 -1.34 -21.45
N ALA C 140 -21.99 -1.86 -21.25
CA ALA C 140 -21.64 -3.18 -21.82
C ALA C 140 -22.35 -4.39 -21.16
N LEU C 141 -22.68 -4.27 -19.87
CA LEU C 141 -23.10 -5.43 -19.06
C LEU C 141 -24.08 -6.41 -19.74
N PRO C 142 -25.18 -5.92 -20.35
CA PRO C 142 -26.16 -6.82 -20.99
C PRO C 142 -25.58 -7.75 -22.04
N MET C 143 -24.48 -7.36 -22.66
CA MET C 143 -23.87 -8.21 -23.68
C MET C 143 -22.54 -8.82 -23.25
N LEU C 144 -22.12 -8.57 -22.02
CA LEU C 144 -20.92 -9.18 -21.49
C LEU C 144 -21.05 -10.70 -21.28
N SER C 145 -20.10 -11.49 -21.80
CA SER C 145 -20.10 -12.93 -21.46
C SER C 145 -19.70 -13.11 -20.01
N ASP C 146 -20.03 -14.27 -19.44
CA ASP C 146 -19.89 -14.49 -18.01
C ASP C 146 -18.42 -14.43 -17.62
N ASP C 147 -17.52 -14.69 -18.55
CA ASP C 147 -16.11 -14.66 -18.16
C ASP C 147 -15.41 -13.59 -18.94
N ALA C 148 -16.14 -12.50 -19.18
CA ALA C 148 -15.54 -11.29 -19.78
C ALA C 148 -14.42 -10.71 -18.91
N SER C 149 -13.59 -9.89 -19.54
CA SER C 149 -12.51 -9.26 -18.84
C SER C 149 -12.40 -7.82 -19.27
N LEU C 150 -12.44 -6.96 -18.26
CA LEU C 150 -12.36 -5.51 -18.43
C LEU C 150 -11.02 -5.04 -17.85
N LEU C 151 -10.30 -4.25 -18.67
CA LEU C 151 -8.94 -3.78 -18.41
C LEU C 151 -8.94 -2.31 -18.62
N THR C 152 -8.53 -1.57 -17.59
CA THR C 152 -8.20 -0.17 -17.72
C THR C 152 -6.69 0.08 -17.61
N LEU C 153 -6.24 1.27 -18.03
CA LEU C 153 -4.84 1.67 -17.93
C LEU C 153 -4.69 2.81 -16.96
N SER C 154 -3.69 2.71 -16.06
CA SER C 154 -3.50 3.70 -15.03
C SER C 154 -2.03 4.06 -14.95
N TYR C 155 -1.64 4.82 -13.93
CA TYR C 155 -0.26 5.33 -13.85
C TYR C 155 0.14 5.62 -12.39
N LEU C 156 1.43 5.57 -12.12
CA LEU C 156 1.98 5.61 -10.76
C LEU C 156 1.64 6.94 -10.06
N GLY C 157 1.30 7.97 -10.85
CA GLY C 157 0.87 9.23 -10.27
C GLY C 157 -0.39 9.07 -9.40
N ALA C 158 -1.11 7.94 -9.56
CA ALA C 158 -2.31 7.71 -8.67
C ALA C 158 -1.89 7.47 -7.24
N GLU C 159 -0.70 6.94 -7.10
CA GLU C 159 -0.26 6.33 -5.86
C GLU C 159 0.67 7.31 -5.15
N ARG C 160 1.54 7.96 -5.91
CA ARG C 160 2.49 8.92 -5.35
C ARG C 160 2.45 10.16 -6.23
N ALA C 161 2.81 11.29 -5.62
CA ALA C 161 2.74 12.57 -6.27
C ALA C 161 3.91 12.70 -7.23
N ILE C 162 3.57 12.91 -8.50
CA ILE C 162 4.50 13.02 -9.60
C ILE C 162 4.39 14.44 -10.13
N PRO C 163 5.53 15.14 -10.26
CA PRO C 163 5.54 16.55 -10.73
C PRO C 163 4.73 16.69 -12.03
N ASN C 164 3.87 17.71 -12.09
CA ASN C 164 3.03 17.96 -13.26
C ASN C 164 1.91 16.96 -13.55
N TYR C 165 1.88 15.80 -12.89
CA TYR C 165 0.76 14.84 -13.19
C TYR C 165 -0.55 15.34 -12.62
N ASN C 166 -0.43 16.00 -11.49
CA ASN C 166 -1.49 16.86 -10.95
C ASN C 166 -2.88 16.23 -10.87
N THR C 167 -3.86 16.89 -11.49
CA THR C 167 -5.27 16.48 -11.43
C THR C 167 -5.46 15.07 -12.00
N MET C 168 -4.57 14.69 -12.91
CA MET C 168 -4.56 13.35 -13.46
C MET C 168 -4.28 12.27 -12.39
N GLY C 169 -3.49 12.63 -11.37
CA GLY C 169 -3.15 11.71 -10.31
C GLY C 169 -4.42 11.43 -9.51
N LEU C 170 -5.19 12.49 -9.22
CA LEU C 170 -6.49 12.35 -8.55
C LEU C 170 -7.42 11.46 -9.34
N ALA C 171 -7.51 11.71 -10.64
CA ALA C 171 -8.47 10.99 -11.47
C ALA C 171 -8.03 9.53 -11.66
N LYS C 172 -6.74 9.27 -11.68
CA LYS C 172 -6.28 7.89 -11.79
C LYS C 172 -6.55 7.10 -10.47
N ALA C 173 -6.43 7.76 -9.32
CA ALA C 173 -6.75 7.12 -8.04
C ALA C 173 -8.25 6.69 -8.03
N ALA C 174 -9.14 7.59 -8.42
CA ALA C 174 -10.57 7.28 -8.63
C ALA C 174 -10.70 6.10 -9.58
N LEU C 175 -9.98 6.18 -10.73
CA LEU C 175 -9.93 5.06 -11.68
C LEU C 175 -9.57 3.74 -10.95
N GLU C 176 -8.47 3.70 -10.20
CA GLU C 176 -8.08 2.44 -9.53
C GLU C 176 -9.11 1.97 -8.48
N ALA C 177 -9.73 2.89 -7.73
CA ALA C 177 -10.80 2.47 -6.84
C ALA C 177 -11.98 1.90 -7.65
N SER C 178 -12.33 2.48 -8.79
CA SER C 178 -13.45 1.92 -9.59
C SER C 178 -13.15 0.47 -10.03
N VAL C 179 -11.87 0.19 -10.30
CA VAL C 179 -11.45 -1.18 -10.65
C VAL C 179 -11.90 -2.12 -9.55
N ARG C 180 -11.78 -1.69 -8.29
CA ARG C 180 -12.13 -2.52 -7.12
C ARG C 180 -13.64 -2.70 -6.96
N TYR C 181 -14.38 -1.58 -6.99
CA TYR C 181 -15.87 -1.63 -6.92
C TYR C 181 -16.51 -2.30 -8.11
N LEU C 182 -15.88 -2.19 -9.27
CA LEU C 182 -16.38 -2.87 -10.46
C LEU C 182 -16.21 -4.36 -10.29
N ALA C 183 -15.07 -4.77 -9.70
CA ALA C 183 -14.79 -6.21 -9.59
C ALA C 183 -15.81 -6.85 -8.65
N VAL C 184 -16.18 -6.12 -7.60
CA VAL C 184 -17.16 -6.63 -6.65
C VAL C 184 -18.53 -6.77 -7.31
N SER C 185 -18.94 -5.71 -8.01
CA SER C 185 -20.19 -5.63 -8.70
C SER C 185 -20.38 -6.69 -9.79
N LEU C 186 -19.34 -6.93 -10.59
CA LEU C 186 -19.45 -7.78 -11.76
C LEU C 186 -19.03 -9.21 -11.48
N GLY C 187 -18.31 -9.42 -10.37
CA GLY C 187 -17.69 -10.71 -10.06
C GLY C 187 -18.55 -11.94 -9.91
N ALA C 188 -19.75 -11.82 -9.35
CA ALA C 188 -20.63 -12.98 -9.10
C ALA C 188 -21.06 -13.61 -10.45
N LYS C 189 -21.36 -12.75 -11.44
CA LYS C 189 -21.47 -13.15 -12.82
C LYS C 189 -20.20 -13.91 -13.29
N GLY C 190 -19.02 -13.50 -12.82
CA GLY C 190 -17.79 -14.14 -13.30
C GLY C 190 -16.83 -13.23 -14.03
N VAL C 191 -17.24 -11.97 -14.17
CA VAL C 191 -16.49 -10.97 -14.91
C VAL C 191 -15.34 -10.45 -14.05
N ARG C 192 -14.19 -10.26 -14.68
CA ARG C 192 -12.99 -9.82 -13.99
C ARG C 192 -12.70 -8.38 -14.41
N VAL C 193 -12.15 -7.60 -13.48
CA VAL C 193 -11.86 -6.20 -13.73
C VAL C 193 -10.47 -5.94 -13.20
N ASN C 194 -9.58 -5.44 -14.06
CA ASN C 194 -8.22 -5.13 -13.65
C ASN C 194 -7.71 -3.89 -14.38
N ALA C 195 -6.65 -3.30 -13.84
CA ALA C 195 -5.86 -2.29 -14.53
C ALA C 195 -4.42 -2.75 -14.68
N ILE C 196 -3.73 -2.16 -15.65
CA ILE C 196 -2.30 -2.11 -15.69
C ILE C 196 -1.89 -0.67 -15.40
N SER C 197 -0.99 -0.55 -14.44
CA SER C 197 -0.38 0.72 -14.10
C SER C 197 0.86 0.75 -14.97
N ALA C 198 0.75 1.31 -16.17
CA ALA C 198 1.86 1.20 -17.11
C ALA C 198 2.93 2.27 -16.81
N GLY C 199 4.20 1.97 -17.09
CA GLY C 199 5.23 3.01 -16.98
C GLY C 199 5.06 4.01 -18.14
N PRO C 200 5.87 5.10 -18.19
CA PRO C 200 5.68 5.97 -19.38
C PRO C 200 6.25 5.39 -20.68
N ILE C 201 5.71 5.84 -21.81
CA ILE C 201 6.12 5.27 -23.12
C ILE C 201 6.69 6.31 -24.11
N SER C 207 6.15 11.08 -29.57
CA SER C 207 6.38 11.51 -28.19
C SER C 207 7.13 12.87 -28.20
N GLY C 208 7.68 13.29 -27.06
CA GLY C 208 8.71 14.32 -27.04
C GLY C 208 8.61 15.64 -26.27
N ILE C 209 7.76 15.73 -25.24
CA ILE C 209 7.72 16.90 -24.30
C ILE C 209 9.04 16.97 -23.47
N LYS C 210 9.46 18.18 -23.08
CA LYS C 210 10.73 18.38 -22.31
C LYS C 210 10.80 17.63 -20.95
N SER C 211 9.71 17.73 -20.20
CA SER C 211 9.57 17.14 -18.88
C SER C 211 9.31 15.62 -18.96
N PHE C 212 8.74 15.18 -20.09
CA PHE C 212 8.57 13.77 -20.39
C PHE C 212 9.93 13.11 -20.59
N GLY C 213 10.78 13.79 -21.33
CA GLY C 213 12.12 13.36 -21.56
C GLY C 213 12.77 13.06 -20.23
N LYS C 214 12.63 13.98 -19.27
CA LYS C 214 13.32 13.88 -17.98
C LYS C 214 12.80 12.66 -17.20
N ILE C 215 11.48 12.43 -17.28
CA ILE C 215 10.90 11.23 -16.71
C ILE C 215 11.43 9.94 -17.37
N LEU C 216 11.40 9.89 -18.71
CA LEU C 216 11.89 8.72 -19.44
C LEU C 216 13.34 8.44 -19.07
N ASP C 217 14.15 9.49 -18.95
CA ASP C 217 15.56 9.31 -18.55
C ASP C 217 15.74 8.77 -17.11
N PHE C 218 14.91 9.30 -16.19
CA PHE C 218 14.97 8.93 -14.78
C PHE C 218 14.58 7.48 -14.59
N VAL C 219 13.54 7.07 -15.31
CA VAL C 219 13.07 5.67 -15.26
C VAL C 219 14.09 4.68 -15.85
N GLU C 220 14.69 5.07 -16.96
CA GLU C 220 15.70 4.28 -17.61
C GLU C 220 16.90 4.12 -16.67
N SER C 221 17.22 5.20 -15.96
CA SER C 221 18.31 5.18 -15.03
C SER C 221 18.07 4.46 -13.76
N ASN C 222 16.84 4.53 -13.27
CA ASN C 222 16.56 4.15 -11.92
C ASN C 222 15.75 2.89 -11.75
N SER C 223 14.93 2.55 -12.74
CA SER C 223 14.17 1.30 -12.64
C SER C 223 15.00 -0.01 -12.44
N PRO C 224 14.44 -0.98 -11.69
CA PRO C 224 15.21 -2.21 -11.58
C PRO C 224 15.82 -2.74 -12.92
N LEU C 225 15.05 -2.71 -14.01
CA LEU C 225 15.54 -3.27 -15.26
C LEU C 225 16.24 -2.24 -16.13
N LYS C 226 16.43 -1.02 -15.63
CA LYS C 226 17.23 -0.03 -16.37
C LYS C 226 16.78 0.18 -17.84
N ARG C 227 15.45 0.22 -18.04
CA ARG C 227 14.87 0.44 -19.35
C ARG C 227 13.44 0.88 -19.15
N ASN C 228 12.93 1.67 -20.08
CA ASN C 228 11.54 2.00 -20.12
C ASN C 228 10.79 0.83 -20.70
N VAL C 229 9.52 0.71 -20.35
CA VAL C 229 8.67 -0.30 -20.92
C VAL C 229 8.23 0.06 -22.34
N THR C 230 7.80 -0.96 -23.07
CA THR C 230 7.31 -0.80 -24.42
C THR C 230 5.88 -1.17 -24.46
N ILE C 231 5.25 -0.76 -25.55
CA ILE C 231 3.84 -1.04 -25.76
C ILE C 231 3.69 -2.51 -26.06
N GLU C 232 4.77 -3.17 -26.44
CA GLU C 232 4.76 -4.63 -26.63
C GLU C 232 4.55 -5.30 -25.26
N GLN C 233 5.34 -4.84 -24.28
CA GLN C 233 5.35 -5.40 -22.94
C GLN C 233 4.01 -5.15 -22.26
N VAL C 234 3.48 -3.95 -22.44
CA VAL C 234 2.21 -3.59 -21.83
C VAL C 234 1.11 -4.35 -22.55
N GLY C 235 1.25 -4.47 -23.87
CA GLY C 235 0.29 -5.19 -24.67
C GLY C 235 0.16 -6.67 -24.25
N ASN C 236 1.30 -7.31 -24.06
CA ASN C 236 1.34 -8.72 -23.67
C ASN C 236 0.73 -8.92 -22.30
N ALA C 237 1.05 -8.03 -21.36
CA ALA C 237 0.49 -8.15 -20.04
C ALA C 237 -1.01 -7.93 -20.12
N GLY C 238 -1.43 -7.01 -20.98
CA GLY C 238 -2.87 -6.84 -21.20
C GLY C 238 -3.55 -8.06 -21.79
N ALA C 239 -3.01 -8.59 -22.90
CA ALA C 239 -3.60 -9.79 -23.52
C ALA C 239 -3.76 -10.86 -22.46
N PHE C 240 -2.75 -10.98 -21.59
CA PHE C 240 -2.82 -11.93 -20.49
C PHE C 240 -4.02 -11.72 -19.57
N LEU C 241 -4.25 -10.47 -19.14
CA LEU C 241 -5.38 -10.19 -18.22
C LEU C 241 -6.72 -10.34 -18.92
N LEU C 242 -6.73 -10.10 -20.23
CA LEU C 242 -7.97 -10.29 -21.00
C LEU C 242 -8.31 -11.77 -21.23
N SER C 243 -7.35 -12.68 -21.00
CA SER C 243 -7.53 -14.12 -21.33
C SER C 243 -7.91 -15.02 -20.17
N ASP C 244 -8.33 -16.26 -20.45
CA ASP C 244 -8.66 -17.20 -19.40
C ASP C 244 -7.44 -17.64 -18.58
N LEU C 245 -6.22 -17.33 -19.00
CA LEU C 245 -5.02 -17.64 -18.18
C LEU C 245 -5.07 -16.85 -16.88
N ALA C 246 -5.75 -15.69 -16.94
CA ALA C 246 -5.84 -14.81 -15.81
C ALA C 246 -7.11 -14.99 -15.02
N SER C 247 -7.76 -16.15 -15.18
CA SER C 247 -9.07 -16.33 -14.53
C SER C 247 -9.04 -16.25 -12.99
N GLY C 248 -7.85 -16.34 -12.37
CA GLY C 248 -7.78 -16.14 -10.93
C GLY C 248 -7.67 -14.68 -10.44
N VAL C 249 -7.54 -13.75 -11.40
CA VAL C 249 -7.04 -12.40 -11.13
C VAL C 249 -8.12 -11.36 -11.42
N THR C 250 -8.49 -10.60 -10.39
CA THR C 250 -9.47 -9.53 -10.58
C THR C 250 -9.28 -8.55 -9.46
N ALA C 251 -9.75 -7.31 -9.62
CA ALA C 251 -9.50 -6.22 -8.65
C ALA C 251 -8.00 -5.84 -8.45
N GLU C 252 -7.17 -6.24 -9.42
CA GLU C 252 -5.71 -5.99 -9.42
C GLU C 252 -5.29 -4.75 -10.24
N VAL C 253 -4.40 -3.95 -9.66
CA VAL C 253 -3.63 -2.92 -10.37
C VAL C 253 -2.23 -3.50 -10.57
N MET C 254 -1.99 -4.08 -11.74
CA MET C 254 -0.69 -4.68 -12.03
C MET C 254 0.34 -3.70 -12.62
N HIS C 255 1.46 -3.48 -11.98
CA HIS C 255 2.48 -2.63 -12.51
C HIS C 255 3.15 -3.26 -13.74
N VAL C 256 3.32 -2.54 -14.81
CA VAL C 256 4.09 -2.98 -15.94
C VAL C 256 4.93 -1.77 -16.36
N ASP C 257 6.07 -1.66 -15.71
CA ASP C 257 6.83 -0.43 -15.58
C ASP C 257 8.34 -0.56 -15.55
N SER C 258 8.83 -1.78 -15.61
CA SER C 258 10.21 -2.20 -15.39
C SER C 258 10.64 -2.27 -13.94
N GLY C 259 9.66 -2.33 -13.06
CA GLY C 259 9.88 -2.37 -11.61
C GLY C 259 9.89 -1.00 -10.96
N PHE C 260 9.73 0.04 -11.77
CA PHE C 260 9.96 1.42 -11.29
C PHE C 260 9.18 1.82 -10.02
N ASN C 261 7.88 1.54 -10.00
CA ASN C 261 7.04 1.84 -8.82
C ASN C 261 7.72 1.41 -7.48
N ALA C 262 8.56 0.37 -7.55
CA ALA C 262 8.98 -0.35 -6.36
C ALA C 262 10.28 0.08 -5.70
N VAL C 263 10.88 1.14 -6.18
CA VAL C 263 12.10 1.62 -5.64
C VAL C 263 11.93 3.07 -5.30
N VAL C 264 12.92 3.57 -4.56
CA VAL C 264 13.12 5.00 -4.36
C VAL C 264 14.36 5.39 -5.18
N GLY C 265 14.13 5.87 -6.40
CA GLY C 265 15.23 6.16 -7.33
C GLY C 265 15.95 7.45 -7.07
N GLY C 266 17.15 7.55 -7.65
CA GLY C 266 17.83 8.82 -7.76
C GLY C 266 18.69 9.26 -6.61
N MET C 267 18.94 8.40 -5.62
CA MET C 267 19.64 8.84 -4.40
C MET C 267 21.15 8.61 -4.30
N MET D 10 4.50 -24.42 -30.16
CA MET D 10 4.46 -22.90 -30.22
C MET D 10 3.94 -22.15 -28.95
N GLY D 11 3.95 -22.81 -27.78
CA GLY D 11 3.52 -22.24 -26.46
C GLY D 11 4.32 -21.00 -26.05
N PHE D 12 3.86 -20.24 -25.05
CA PHE D 12 4.61 -18.99 -24.77
C PHE D 12 5.83 -19.20 -23.88
N LEU D 13 6.10 -20.44 -23.47
CA LEU D 13 7.30 -20.72 -22.71
C LEU D 13 8.27 -21.62 -23.46
N ASP D 14 8.14 -21.64 -24.80
CA ASP D 14 8.87 -22.59 -25.62
C ASP D 14 10.40 -22.59 -25.47
N GLY D 15 10.98 -23.76 -25.31
CA GLY D 15 12.43 -23.86 -25.09
C GLY D 15 12.96 -23.35 -23.75
N LYS D 16 12.09 -22.77 -22.89
CA LYS D 16 12.51 -22.26 -21.59
C LYS D 16 12.78 -23.38 -20.57
N ARG D 17 13.82 -23.14 -19.78
CA ARG D 17 14.30 -24.09 -18.79
C ARG D 17 14.05 -23.57 -17.40
N ILE D 18 13.19 -24.27 -16.67
CA ILE D 18 12.59 -23.74 -15.45
C ILE D 18 12.82 -24.79 -14.40
N LEU D 19 13.33 -24.34 -13.26
CA LEU D 19 13.55 -25.17 -12.10
C LEU D 19 12.49 -24.88 -11.04
N LEU D 20 11.83 -25.94 -10.56
CA LEU D 20 10.76 -25.81 -9.57
C LEU D 20 11.01 -26.55 -8.23
N THR D 21 10.83 -25.81 -7.14
CA THR D 21 10.90 -26.29 -5.77
C THR D 21 9.47 -26.36 -5.25
N GLY D 22 9.26 -27.10 -4.15
CA GLY D 22 7.94 -27.19 -3.46
C GLY D 22 6.87 -28.08 -4.05
N LEU D 23 7.22 -28.95 -4.98
CA LEU D 23 6.22 -29.82 -5.49
C LEU D 23 6.18 -31.05 -4.57
N LEU D 24 5.23 -31.03 -3.64
CA LEU D 24 5.09 -32.11 -2.68
C LEU D 24 3.97 -33.10 -3.05
N SER D 25 2.96 -32.65 -3.79
CA SER D 25 1.81 -33.52 -4.12
C SER D 25 1.05 -32.99 -5.35
N ASN D 26 -0.02 -33.65 -5.72
CA ASN D 26 -0.90 -33.15 -6.77
C ASN D 26 -1.81 -31.97 -6.35
N ARG D 27 -1.61 -31.43 -5.15
CA ARG D 27 -2.40 -30.29 -4.66
C ARG D 27 -1.54 -29.04 -4.67
N SER D 28 -0.22 -29.26 -4.76
CA SER D 28 0.80 -28.23 -4.67
C SER D 28 0.62 -27.14 -5.71
N ILE D 29 0.82 -25.91 -5.26
CA ILE D 29 0.94 -24.82 -6.14
C ILE D 29 1.97 -25.17 -7.19
N ALA D 30 3.11 -25.76 -6.80
CA ALA D 30 4.19 -26.03 -7.75
C ALA D 30 3.73 -27.02 -8.83
N TYR D 31 2.84 -27.93 -8.46
CA TYR D 31 2.28 -28.88 -9.42
C TYR D 31 1.48 -28.11 -10.48
N GLY D 32 0.71 -27.12 -10.05
CA GLY D 32 -0.06 -26.28 -10.97
C GLY D 32 0.84 -25.51 -11.94
N ILE D 33 1.86 -24.86 -11.40
CA ILE D 33 2.78 -24.09 -12.21
C ILE D 33 3.51 -25.04 -13.20
N ALA D 34 3.80 -26.28 -12.76
CA ALA D 34 4.52 -27.21 -13.59
C ALA D 34 3.63 -27.57 -14.79
N LYS D 35 2.37 -27.94 -14.52
CA LYS D 35 1.39 -28.24 -15.60
C LYS D 35 1.27 -27.10 -16.61
N ALA D 36 1.18 -25.87 -16.09
CA ALA D 36 1.02 -24.71 -16.94
C ALA D 36 2.32 -24.47 -17.74
N CYS D 37 3.49 -24.63 -17.10
CA CYS D 37 4.76 -24.42 -17.84
C CYS D 37 5.03 -25.45 -18.94
N LYS D 38 4.76 -26.71 -18.61
CA LYS D 38 4.88 -27.79 -19.57
C LYS D 38 3.94 -27.57 -20.73
N ARG D 39 2.66 -27.33 -20.46
CA ARG D 39 1.69 -27.00 -21.52
C ARG D 39 2.26 -25.95 -22.45
N GLU D 40 2.88 -24.91 -21.89
CA GLU D 40 3.48 -23.84 -22.73
C GLU D 40 4.89 -24.11 -23.26
N GLY D 41 5.38 -25.35 -23.14
CA GLY D 41 6.60 -25.69 -23.91
C GLY D 41 7.89 -25.54 -23.12
N ALA D 42 7.80 -25.21 -21.85
CA ALA D 42 8.98 -25.23 -20.99
C ALA D 42 9.61 -26.64 -20.89
N GLU D 43 10.91 -26.69 -20.59
CA GLU D 43 11.56 -27.90 -20.10
C GLU D 43 11.78 -27.73 -18.60
N LEU D 44 11.45 -28.74 -17.80
CA LEU D 44 11.39 -28.53 -16.36
C LEU D 44 12.36 -29.42 -15.61
N ALA D 45 12.71 -28.98 -14.40
CA ALA D 45 13.49 -29.78 -13.49
C ALA D 45 12.89 -29.52 -12.11
N PHE D 46 13.07 -30.45 -11.19
CA PHE D 46 12.48 -30.35 -9.86
C PHE D 46 13.48 -30.57 -8.71
N THR D 47 13.15 -30.05 -7.52
CA THR D 47 13.96 -30.33 -6.32
C THR D 47 13.13 -31.11 -5.32
N TYR D 48 13.79 -31.76 -4.36
CA TYR D 48 13.11 -32.53 -3.30
C TYR D 48 13.94 -32.49 -2.02
N VAL D 49 13.34 -32.84 -0.89
CA VAL D 49 14.02 -32.72 0.38
C VAL D 49 14.22 -34.14 0.96
N GLY D 50 15.46 -34.55 1.17
CA GLY D 50 15.76 -35.88 1.75
C GLY D 50 15.76 -36.97 0.68
N ASP D 51 16.78 -37.83 0.79
CA ASP D 51 17.00 -39.02 -0.08
C ASP D 51 15.75 -39.87 -0.40
N ARG D 52 14.87 -40.06 0.58
CA ARG D 52 13.82 -41.04 0.42
C ARG D 52 12.69 -40.52 -0.48
N PHE D 53 12.72 -39.21 -0.76
CA PHE D 53 11.69 -38.55 -1.56
C PHE D 53 11.91 -38.58 -3.09
N LYS D 54 12.92 -39.34 -3.52
CA LYS D 54 13.45 -39.27 -4.87
C LYS D 54 12.57 -39.99 -5.88
N ASP D 55 12.07 -41.17 -5.53
CA ASP D 55 11.14 -41.81 -6.46
C ASP D 55 9.91 -40.94 -6.65
N ARG D 56 9.39 -40.33 -5.57
CA ARG D 56 8.15 -39.51 -5.66
C ARG D 56 8.30 -38.28 -6.59
N ILE D 57 9.36 -37.51 -6.41
CA ILE D 57 9.65 -36.40 -7.34
C ILE D 57 9.97 -36.90 -8.76
N THR D 58 10.64 -38.04 -8.86
CA THR D 58 10.92 -38.65 -10.17
C THR D 58 9.64 -38.98 -10.93
N GLU D 59 8.64 -39.53 -10.26
CA GLU D 59 7.34 -39.87 -10.88
C GLU D 59 6.60 -38.61 -11.33
N PHE D 60 6.61 -37.58 -10.48
CA PHE D 60 6.00 -36.29 -10.87
C PHE D 60 6.74 -35.72 -12.06
N ALA D 61 8.08 -35.70 -11.99
CA ALA D 61 8.90 -35.15 -13.07
C ALA D 61 8.64 -35.86 -14.38
N ALA D 62 8.55 -37.19 -14.34
CA ALA D 62 8.33 -37.97 -15.57
C ALA D 62 6.95 -37.69 -16.17
N GLU D 63 5.98 -37.42 -15.32
CA GLU D 63 4.65 -37.11 -15.86
C GLU D 63 4.63 -35.69 -16.50
N PHE D 64 5.67 -34.88 -16.24
CA PHE D 64 5.90 -33.64 -17.00
C PHE D 64 7.02 -33.76 -18.06
N GLY D 65 7.37 -34.96 -18.50
CA GLY D 65 8.42 -35.15 -19.49
C GLY D 65 9.81 -34.74 -19.05
N SER D 66 10.11 -34.90 -17.77
CA SER D 66 11.42 -34.54 -17.28
C SER D 66 11.98 -35.67 -16.42
N GLU D 67 13.31 -35.80 -16.41
CA GLU D 67 13.95 -36.74 -15.50
C GLU D 67 14.95 -35.95 -14.70
N LEU D 68 14.81 -34.64 -14.69
CA LEU D 68 15.76 -33.79 -14.01
C LEU D 68 15.30 -33.46 -12.56
N VAL D 69 15.87 -34.16 -11.57
CA VAL D 69 15.49 -33.95 -10.16
C VAL D 69 16.70 -33.90 -9.22
N PHE D 70 16.68 -33.01 -8.24
CA PHE D 70 17.85 -32.72 -7.43
C PHE D 70 17.41 -32.53 -5.98
N PRO D 71 18.24 -32.98 -5.02
CA PRO D 71 18.06 -32.74 -3.60
C PRO D 71 18.43 -31.28 -3.25
N CYS D 72 17.60 -30.65 -2.43
CA CYS D 72 17.90 -29.37 -1.82
C CYS D 72 17.10 -29.13 -0.57
N ASP D 73 17.76 -29.21 0.58
CA ASP D 73 17.19 -28.68 1.79
C ASP D 73 17.71 -27.26 1.90
N VAL D 74 16.82 -26.27 1.76
CA VAL D 74 17.23 -24.87 1.84
C VAL D 74 17.85 -24.42 3.19
N ALA D 75 17.70 -25.23 4.24
CA ALA D 75 18.39 -24.96 5.54
C ALA D 75 19.91 -25.16 5.45
N ASP D 76 20.37 -25.74 4.37
CA ASP D 76 21.74 -26.19 4.29
C ASP D 76 22.46 -25.49 3.12
N ASP D 77 23.49 -24.69 3.42
CA ASP D 77 24.29 -23.97 2.40
C ASP D 77 24.88 -24.87 1.33
N ALA D 78 25.42 -26.00 1.74
CA ALA D 78 26.11 -26.92 0.84
C ALA D 78 25.13 -27.47 -0.18
N GLN D 79 23.89 -27.75 0.24
CA GLN D 79 22.87 -28.31 -0.66
C GLN D 79 22.42 -27.28 -1.69
N ILE D 80 22.34 -26.01 -1.26
CA ILE D 80 22.06 -24.90 -2.18
C ILE D 80 23.16 -24.76 -3.27
N ASP D 81 24.44 -24.73 -2.87
CA ASP D 81 25.56 -24.75 -3.82
C ASP D 81 25.61 -26.01 -4.70
N ALA D 82 25.47 -27.21 -4.13
CA ALA D 82 25.47 -28.43 -4.97
C ALA D 82 24.29 -28.46 -5.94
N LEU D 83 23.14 -27.91 -5.51
CA LEU D 83 21.95 -27.93 -6.38
C LEU D 83 22.29 -27.32 -7.72
N PHE D 84 22.90 -26.16 -7.71
CA PHE D 84 23.10 -25.45 -8.97
C PHE D 84 24.30 -25.98 -9.76
N ALA D 85 25.34 -26.37 -9.02
CA ALA D 85 26.45 -27.13 -9.56
C ALA D 85 25.97 -28.36 -10.31
N SER D 86 25.05 -29.17 -9.74
CA SER D 86 24.53 -30.33 -10.46
C SER D 86 23.66 -29.96 -11.65
N LEU D 87 22.78 -28.96 -11.48
CA LEU D 87 21.93 -28.49 -12.58
C LEU D 87 22.80 -28.08 -13.80
N LYS D 88 23.91 -27.39 -13.54
CA LYS D 88 24.79 -26.90 -14.60
C LYS D 88 25.36 -28.02 -15.49
N THR D 89 25.49 -29.24 -14.98
CA THR D 89 25.98 -30.35 -15.82
C THR D 89 24.87 -30.82 -16.81
N HIS D 90 23.63 -30.41 -16.56
CA HIS D 90 22.58 -30.75 -17.49
C HIS D 90 22.20 -29.54 -18.29
N TRP D 91 22.16 -28.37 -17.63
CA TRP D 91 21.76 -27.11 -18.29
C TRP D 91 22.84 -26.07 -18.24
N ASP D 92 23.13 -25.53 -19.42
CA ASP D 92 24.10 -24.48 -19.57
C ASP D 92 23.68 -23.19 -18.84
N SER D 93 22.41 -22.82 -19.02
CA SER D 93 21.82 -21.68 -18.32
C SER D 93 20.41 -22.01 -17.86
N LEU D 94 19.93 -21.22 -16.91
CA LEU D 94 18.65 -21.42 -16.34
C LEU D 94 17.75 -20.22 -16.59
N ASP D 95 16.55 -20.45 -17.14
CA ASP D 95 15.61 -19.37 -17.46
C ASP D 95 14.59 -19.04 -16.38
N GLY D 96 14.21 -20.05 -15.59
CA GLY D 96 13.20 -19.85 -14.58
C GLY D 96 13.43 -20.57 -13.27
N LEU D 97 12.94 -19.93 -12.20
CA LEU D 97 13.10 -20.44 -10.83
C LEU D 97 11.84 -20.19 -10.02
N VAL D 98 11.28 -21.27 -9.51
CA VAL D 98 10.10 -21.16 -8.74
C VAL D 98 10.41 -21.50 -7.28
N HIS D 99 10.22 -20.51 -6.41
CA HIS D 99 10.43 -20.73 -5.00
C HIS D 99 9.08 -20.82 -4.36
N SER D 100 8.73 -21.99 -3.89
CA SER D 100 7.41 -22.24 -3.33
C SER D 100 7.58 -23.02 -2.05
N ILE D 101 8.24 -22.38 -1.10
CA ILE D 101 8.51 -23.00 0.19
C ILE D 101 8.35 -22.05 1.39
N GLY D 102 7.69 -22.54 2.42
CA GLY D 102 7.51 -21.79 3.63
C GLY D 102 7.20 -22.72 4.76
N PHE D 103 7.68 -22.38 5.94
CA PHE D 103 7.51 -23.24 7.12
C PHE D 103 7.83 -22.44 8.33
N ALA D 104 6.97 -22.57 9.33
CA ALA D 104 7.26 -22.16 10.69
C ALA D 104 6.85 -23.29 11.63
N PRO D 105 7.61 -23.52 12.72
CA PRO D 105 7.10 -24.56 13.63
C PRO D 105 5.63 -24.25 13.97
N ARG D 106 4.83 -25.30 13.84
CA ARG D 106 3.41 -25.33 14.11
C ARG D 106 2.92 -24.39 15.24
N GLU D 107 3.64 -24.36 16.36
CA GLU D 107 3.09 -23.64 17.49
C GLU D 107 3.15 -22.13 17.19
N ALA D 108 4.03 -21.72 16.29
CA ALA D 108 4.17 -20.32 15.86
C ALA D 108 3.03 -19.89 14.91
N ILE D 109 2.11 -20.82 14.59
CA ILE D 109 0.94 -20.56 13.71
C ILE D 109 -0.36 -21.24 14.18
N ALA D 110 -0.47 -21.44 15.48
CA ALA D 110 -1.72 -21.90 16.05
C ALA D 110 -1.97 -20.91 17.17
N GLY D 111 -3.20 -20.62 17.49
CA GLY D 111 -3.46 -19.71 18.57
C GLY D 111 -2.82 -18.32 18.48
N ASP D 112 -2.43 -17.83 19.64
CA ASP D 112 -2.00 -16.46 19.76
C ASP D 112 -0.58 -16.25 19.24
N PHE D 113 -0.37 -15.12 18.56
CA PHE D 113 0.94 -14.74 18.08
C PHE D 113 2.06 -14.79 19.15
N LEU D 114 1.78 -14.25 20.34
CA LEU D 114 2.81 -14.21 21.40
C LEU D 114 3.00 -15.55 22.09
N ASP D 115 1.93 -16.33 22.27
CA ASP D 115 2.05 -17.64 22.95
C ASP D 115 2.97 -18.50 22.11
N GLY D 116 2.92 -18.34 20.79
CA GLY D 116 3.68 -19.20 19.90
C GLY D 116 5.03 -18.65 19.48
N LEU D 117 5.41 -17.49 19.99
CA LEU D 117 6.64 -16.82 19.59
C LEU D 117 7.79 -17.26 20.47
N THR D 118 8.83 -17.83 19.86
CA THR D 118 10.12 -17.93 20.58
C THR D 118 11.22 -17.44 19.63
N ARG D 119 12.39 -17.14 20.16
CA ARG D 119 13.48 -16.76 19.26
C ARG D 119 13.71 -17.84 18.19
N GLU D 120 13.79 -19.11 18.61
CA GLU D 120 14.03 -20.23 17.66
C GLU D 120 12.90 -20.38 16.60
N ASN D 121 11.64 -20.20 17.03
CA ASN D 121 10.47 -20.29 16.12
C ASN D 121 10.59 -19.17 15.04
N PHE D 122 10.91 -17.97 15.50
CA PHE D 122 11.06 -16.81 14.63
C PHE D 122 12.20 -17.04 13.62
N ARG D 123 13.34 -17.54 14.14
CA ARG D 123 14.55 -17.74 13.37
C ARG D 123 14.30 -18.74 12.26
N ILE D 124 13.62 -19.84 12.60
CA ILE D 124 13.36 -20.91 11.65
C ILE D 124 12.40 -20.41 10.59
N ALA D 125 11.29 -19.79 11.00
CA ALA D 125 10.29 -19.33 10.04
C ALA D 125 10.91 -18.42 8.99
N HIS D 126 11.77 -17.49 9.44
CA HIS D 126 12.43 -16.55 8.52
C HIS D 126 13.51 -17.18 7.68
N ASP D 127 14.35 -17.98 8.32
CA ASP D 127 15.40 -18.70 7.62
C ASP D 127 14.82 -19.47 6.46
N ILE D 128 13.81 -20.30 6.73
CA ILE D 128 13.28 -21.17 5.71
C ILE D 128 12.34 -20.42 4.71
N SER D 129 11.55 -19.44 5.20
CA SER D 129 10.41 -18.90 4.45
C SER D 129 10.76 -17.60 3.70
N ALA D 130 11.79 -16.89 4.18
CA ALA D 130 12.23 -15.63 3.59
C ALA D 130 13.66 -15.69 3.04
N TYR D 131 14.64 -15.92 3.91
CA TYR D 131 16.04 -16.10 3.48
C TYR D 131 16.30 -17.00 2.25
N SER D 132 15.67 -18.18 2.22
CA SER D 132 15.94 -19.20 1.18
C SER D 132 15.81 -18.67 -0.25
N PHE D 133 14.89 -17.73 -0.43
CA PHE D 133 14.61 -17.23 -1.77
C PHE D 133 15.79 -16.43 -2.33
N PRO D 134 16.20 -15.36 -1.66
CA PRO D 134 17.36 -14.69 -2.19
C PRO D 134 18.63 -15.56 -2.18
N ALA D 135 18.74 -16.50 -1.25
CA ALA D 135 19.89 -17.41 -1.24
C ALA D 135 19.87 -18.29 -2.51
N LEU D 136 18.71 -18.82 -2.87
CA LEU D 136 18.59 -19.55 -4.13
C LEU D 136 18.97 -18.67 -5.31
N ALA D 137 18.50 -17.42 -5.31
CA ALA D 137 18.76 -16.48 -6.42
C ALA D 137 20.24 -16.29 -6.58
N LYS D 138 20.92 -16.02 -5.46
CA LYS D 138 22.35 -15.76 -5.49
C LYS D 138 23.11 -16.98 -5.95
N ALA D 139 22.67 -18.14 -5.50
CA ALA D 139 23.34 -19.37 -5.91
C ALA D 139 23.10 -19.64 -7.39
N ALA D 140 21.98 -19.16 -7.93
CA ALA D 140 21.58 -19.44 -9.31
C ALA D 140 22.27 -18.45 -10.24
N LEU D 141 22.47 -17.23 -9.75
CA LEU D 141 22.94 -16.09 -10.60
C LEU D 141 23.98 -16.48 -11.67
N PRO D 142 25.09 -17.18 -11.30
CA PRO D 142 26.07 -17.47 -12.36
C PRO D 142 25.57 -18.28 -13.55
N MET D 143 24.41 -18.92 -13.46
CA MET D 143 23.95 -19.70 -14.59
C MET D 143 22.63 -19.19 -15.18
N LEU D 144 22.09 -18.11 -14.61
CA LEU D 144 20.89 -17.51 -15.13
C LEU D 144 21.15 -16.97 -16.53
N SER D 145 20.21 -17.19 -17.44
CA SER D 145 20.16 -16.50 -18.74
C SER D 145 19.86 -15.02 -18.54
N ASP D 146 20.09 -14.23 -19.59
CA ASP D 146 20.09 -12.76 -19.46
C ASP D 146 18.69 -12.21 -19.41
N ASP D 147 17.71 -13.06 -19.66
CA ASP D 147 16.35 -12.61 -19.50
C ASP D 147 15.59 -13.55 -18.56
N ALA D 148 16.30 -14.12 -17.57
CA ALA D 148 15.71 -15.08 -16.64
C ALA D 148 14.59 -14.49 -15.75
N SER D 149 13.78 -15.35 -15.12
CA SER D 149 12.67 -14.89 -14.25
C SER D 149 12.56 -15.74 -12.98
N LEU D 150 12.62 -15.09 -11.84
CA LEU D 150 12.54 -15.74 -10.53
C LEU D 150 11.17 -15.47 -9.86
N LEU D 151 10.51 -16.52 -9.42
CA LEU D 151 9.20 -16.36 -8.89
C LEU D 151 9.13 -16.95 -7.51
N THR D 152 8.55 -16.19 -6.57
CA THR D 152 8.21 -16.68 -5.24
C THR D 152 6.70 -16.62 -4.89
N LEU D 153 6.32 -17.42 -3.89
CA LEU D 153 4.90 -17.51 -3.48
C LEU D 153 4.69 -16.83 -2.14
N SER D 154 3.75 -15.88 -2.10
CA SER D 154 3.49 -15.22 -0.81
C SER D 154 2.01 -15.35 -0.51
N TYR D 155 1.56 -14.63 0.49
CA TYR D 155 0.20 -14.75 0.93
C TYR D 155 -0.18 -13.43 1.60
N LEU D 156 -1.49 -13.15 1.61
CA LEU D 156 -2.05 -11.90 2.06
C LEU D 156 -1.66 -11.56 3.50
N GLY D 157 -1.39 -12.58 4.30
CA GLY D 157 -0.93 -12.40 5.69
C GLY D 157 0.31 -11.54 5.86
N ALA D 158 1.07 -11.37 4.77
CA ALA D 158 2.22 -10.43 4.81
C ALA D 158 1.73 -8.99 4.96
N GLU D 159 0.52 -8.73 4.45
CA GLU D 159 0.07 -7.34 4.27
C GLU D 159 -0.86 -6.92 5.40
N ARG D 160 -1.67 -7.87 5.85
CA ARG D 160 -2.64 -7.65 6.89
C ARG D 160 -2.69 -8.83 7.81
N ALA D 161 -3.07 -8.58 9.05
CA ALA D 161 -3.01 -9.60 10.09
C ALA D 161 -4.17 -10.57 9.92
N ILE D 162 -3.82 -11.81 9.64
CA ILE D 162 -4.82 -12.85 9.47
C ILE D 162 -4.68 -13.75 10.69
N PRO D 163 -5.71 -14.06 11.40
CA PRO D 163 -5.67 -14.74 12.71
C PRO D 163 -4.54 -15.71 13.34
N ASN D 164 -4.20 -16.83 12.78
CA ASN D 164 -3.12 -17.68 13.38
C ASN D 164 -1.91 -17.66 12.40
N TYR D 165 -1.92 -16.77 11.39
CA TYR D 165 -0.83 -16.69 10.45
C TYR D 165 0.46 -16.21 11.13
N ASN D 166 0.28 -15.28 12.04
CA ASN D 166 1.26 -15.10 13.08
C ASN D 166 2.69 -14.88 12.57
N THR D 167 3.62 -15.76 12.97
CA THR D 167 5.03 -15.57 12.69
C THR D 167 5.30 -15.69 11.18
N MET D 168 4.43 -16.39 10.47
CA MET D 168 4.55 -16.53 9.03
C MET D 168 4.23 -15.22 8.31
N GLY D 169 3.45 -14.34 8.97
CA GLY D 169 3.11 -13.06 8.38
C GLY D 169 4.33 -12.17 8.25
N LEU D 170 5.14 -12.20 9.30
CA LEU D 170 6.40 -11.45 9.37
C LEU D 170 7.35 -11.92 8.29
N ALA D 171 7.53 -13.24 8.21
CA ALA D 171 8.45 -13.84 7.25
C ALA D 171 7.95 -13.68 5.80
N LYS D 172 6.62 -13.67 5.57
CA LYS D 172 6.14 -13.34 4.22
C LYS D 172 6.37 -11.85 3.89
N ALA D 173 6.15 -10.95 4.86
CA ALA D 173 6.50 -9.57 4.64
C ALA D 173 8.01 -9.45 4.26
N ALA D 174 8.90 -10.18 4.93
CA ALA D 174 10.33 -10.08 4.62
C ALA D 174 10.59 -10.58 3.20
N LEU D 175 9.88 -11.63 2.81
CA LEU D 175 10.04 -12.25 1.51
C LEU D 175 9.59 -11.30 0.39
N GLU D 176 8.48 -10.63 0.59
CA GLU D 176 8.01 -9.63 -0.38
C GLU D 176 9.05 -8.50 -0.50
N ALA D 177 9.61 -8.04 0.62
CA ALA D 177 10.65 -7.05 0.51
C ALA D 177 11.83 -7.62 -0.30
N SER D 178 12.14 -8.92 -0.12
CA SER D 178 13.29 -9.49 -0.82
C SER D 178 12.98 -9.54 -2.32
N VAL D 179 11.71 -9.66 -2.66
CA VAL D 179 11.31 -9.48 -4.06
C VAL D 179 11.79 -8.10 -4.61
N ARG D 180 11.64 -7.02 -3.83
CA ARG D 180 12.07 -5.69 -4.29
C ARG D 180 13.60 -5.52 -4.34
N TYR D 181 14.28 -5.99 -3.30
CA TYR D 181 15.73 -5.93 -3.26
C TYR D 181 16.39 -6.80 -4.35
N LEU D 182 15.88 -8.01 -4.54
CA LEU D 182 16.39 -8.87 -5.59
C LEU D 182 16.16 -8.27 -7.00
N ALA D 183 14.98 -7.69 -7.22
CA ALA D 183 14.66 -7.02 -8.51
C ALA D 183 15.70 -5.96 -8.84
N VAL D 184 16.06 -5.15 -7.86
CA VAL D 184 17.04 -4.09 -8.07
C VAL D 184 18.44 -4.70 -8.39
N SER D 185 18.97 -5.55 -7.50
CA SER D 185 20.17 -6.38 -7.72
C SER D 185 20.26 -7.02 -9.07
N LEU D 186 19.32 -7.91 -9.36
CA LEU D 186 19.38 -8.77 -10.53
C LEU D 186 18.93 -8.11 -11.79
N GLY D 187 18.04 -7.12 -11.66
CA GLY D 187 17.51 -6.38 -12.83
C GLY D 187 18.59 -5.71 -13.67
N ALA D 188 19.67 -5.30 -13.01
CA ALA D 188 20.86 -4.77 -13.68
C ALA D 188 21.46 -5.79 -14.62
N LYS D 189 21.15 -7.06 -14.37
CA LYS D 189 21.65 -8.10 -15.25
C LYS D 189 20.57 -8.57 -16.26
N GLY D 190 19.47 -7.80 -16.36
CA GLY D 190 18.24 -8.20 -17.10
C GLY D 190 17.32 -9.27 -16.47
N VAL D 191 17.57 -9.64 -15.21
CA VAL D 191 16.80 -10.73 -14.59
C VAL D 191 15.60 -10.17 -13.84
N ARG D 192 14.46 -10.82 -13.98
CA ARG D 192 13.24 -10.27 -13.39
C ARG D 192 12.96 -10.99 -12.08
N VAL D 193 12.36 -10.28 -11.12
CA VAL D 193 11.98 -10.95 -9.87
C VAL D 193 10.56 -10.64 -9.44
N ASN D 194 9.72 -11.66 -9.28
CA ASN D 194 8.35 -11.45 -8.85
C ASN D 194 7.85 -12.41 -7.77
N ALA D 195 6.71 -12.04 -7.17
CA ALA D 195 5.93 -12.89 -6.30
C ALA D 195 4.47 -12.98 -6.77
N ILE D 196 3.88 -14.12 -6.54
CA ILE D 196 2.44 -14.22 -6.63
C ILE D 196 1.96 -14.35 -5.21
N SER D 197 1.10 -13.45 -4.78
CA SER D 197 0.44 -13.59 -3.47
C SER D 197 -0.78 -14.40 -3.73
N ALA D 198 -0.72 -15.71 -3.49
CA ALA D 198 -1.83 -16.61 -3.81
C ALA D 198 -2.92 -16.66 -2.74
N GLY D 199 -4.14 -16.99 -3.17
CA GLY D 199 -5.22 -17.31 -2.25
C GLY D 199 -4.96 -18.63 -1.53
N PRO D 200 -5.70 -18.93 -0.49
CA PRO D 200 -5.48 -20.20 0.20
C PRO D 200 -5.79 -21.41 -0.68
N ILE D 201 -4.95 -22.41 -0.55
CA ILE D 201 -5.08 -23.66 -1.26
C ILE D 201 -4.88 -24.88 -0.35
N LYS D 202 -5.86 -25.76 -0.39
CA LYS D 202 -5.91 -26.89 0.46
C LYS D 202 -4.87 -27.90 0.06
N THR D 203 -3.95 -28.14 0.95
CA THR D 203 -2.96 -29.22 0.84
C THR D 203 -3.01 -30.12 2.05
N LEU D 204 -2.19 -31.16 2.06
CA LEU D 204 -2.15 -32.07 3.21
C LEU D 204 -1.72 -31.31 4.48
N ALA D 205 -0.78 -30.39 4.30
CA ALA D 205 -0.23 -29.59 5.42
C ALA D 205 -1.13 -28.54 6.08
N ALA D 206 -2.37 -28.50 5.67
CA ALA D 206 -3.28 -27.47 6.05
C ALA D 206 -4.31 -28.14 6.92
N SER D 207 -4.29 -29.47 6.91
CA SER D 207 -5.12 -30.30 7.78
C SER D 207 -4.92 -29.97 9.28
N GLY D 208 -3.69 -29.65 9.65
CA GLY D 208 -3.37 -29.16 10.97
C GLY D 208 -3.58 -27.68 11.21
N ILE D 209 -4.15 -26.99 10.24
CA ILE D 209 -4.50 -25.59 10.40
C ILE D 209 -6.00 -25.49 10.65
N LYS D 210 -6.35 -25.10 11.87
CA LYS D 210 -7.70 -25.21 12.36
C LYS D 210 -8.62 -24.22 11.71
N SER D 211 -8.15 -23.06 11.40
CA SER D 211 -9.04 -22.16 10.77
C SER D 211 -9.13 -22.29 9.23
N PHE D 212 -8.51 -23.29 8.63
CA PHE D 212 -8.40 -23.35 7.21
C PHE D 212 -9.73 -23.46 6.51
N GLY D 213 -10.63 -24.27 7.06
CA GLY D 213 -11.97 -24.46 6.47
C GLY D 213 -12.76 -23.16 6.45
N LYS D 214 -12.64 -22.38 7.53
CA LYS D 214 -13.32 -21.10 7.64
C LYS D 214 -12.71 -20.11 6.68
N ILE D 215 -11.36 -20.10 6.56
CA ILE D 215 -10.74 -19.17 5.62
C ILE D 215 -11.35 -19.47 4.26
N LEU D 216 -11.33 -20.75 3.84
CA LEU D 216 -11.86 -21.12 2.51
C LEU D 216 -13.32 -20.69 2.34
N ASP D 217 -14.15 -21.00 3.34
CA ASP D 217 -15.52 -20.54 3.34
C ASP D 217 -15.62 -19.02 3.21
N PHE D 218 -14.89 -18.26 4.02
CA PHE D 218 -15.01 -16.80 4.01
C PHE D 218 -14.61 -16.24 2.63
N VAL D 219 -13.59 -16.85 2.01
CA VAL D 219 -13.07 -16.37 0.72
C VAL D 219 -14.04 -16.68 -0.41
N GLU D 220 -14.58 -17.89 -0.38
CA GLU D 220 -15.59 -18.23 -1.32
C GLU D 220 -16.80 -17.30 -1.23
N SER D 221 -17.20 -16.93 -0.01
CA SER D 221 -18.39 -16.10 0.17
C SER D 221 -18.14 -14.62 -0.04
N ASN D 222 -16.88 -14.20 0.10
CA ASN D 222 -16.62 -12.74 0.12
C ASN D 222 -15.76 -12.19 -0.99
N SER D 223 -14.96 -13.01 -1.65
CA SER D 223 -14.17 -12.55 -2.80
C SER D 223 -15.09 -12.06 -3.95
N PRO D 224 -14.61 -11.09 -4.76
CA PRO D 224 -15.35 -10.63 -5.93
C PRO D 224 -15.80 -11.73 -6.89
N LEU D 225 -14.94 -12.69 -7.19
CA LEU D 225 -15.37 -13.81 -8.04
C LEU D 225 -16.17 -14.91 -7.30
N LYS D 226 -16.33 -14.81 -5.98
CA LYS D 226 -17.16 -15.73 -5.19
C LYS D 226 -16.71 -17.19 -5.38
N ARG D 227 -15.39 -17.43 -5.34
CA ARG D 227 -14.86 -18.77 -5.52
C ARG D 227 -13.44 -18.75 -4.97
N ASN D 228 -12.98 -19.88 -4.43
CA ASN D 228 -11.57 -20.03 -4.10
C ASN D 228 -10.71 -20.15 -5.38
N VAL D 229 -9.44 -19.77 -5.37
CA VAL D 229 -8.59 -19.95 -6.57
C VAL D 229 -8.09 -21.39 -6.63
N THR D 230 -7.62 -21.81 -7.80
CA THR D 230 -7.13 -23.19 -8.03
C THR D 230 -5.65 -23.14 -8.41
N ILE D 231 -5.00 -24.29 -8.37
CA ILE D 231 -3.61 -24.32 -8.74
C ILE D 231 -3.48 -24.20 -10.27
N GLU D 232 -4.58 -24.35 -11.01
CA GLU D 232 -4.54 -24.10 -12.47
C GLU D 232 -4.40 -22.56 -12.69
N GLN D 233 -5.16 -21.78 -11.92
CA GLN D 233 -5.16 -20.30 -12.02
C GLN D 233 -3.86 -19.71 -11.55
N VAL D 234 -3.43 -20.09 -10.35
CA VAL D 234 -2.11 -19.72 -9.83
C VAL D 234 -1.04 -20.21 -10.81
N GLY D 235 -1.19 -21.44 -11.29
CA GLY D 235 -0.22 -21.97 -12.24
C GLY D 235 -0.04 -21.12 -13.50
N ASN D 236 -1.17 -20.71 -14.08
CA ASN D 236 -1.12 -19.97 -15.35
C ASN D 236 -0.52 -18.62 -15.15
N ALA D 237 -0.82 -17.99 -13.99
CA ALA D 237 -0.26 -16.67 -13.67
C ALA D 237 1.26 -16.87 -13.48
N GLY D 238 1.63 -17.96 -12.81
CA GLY D 238 3.05 -18.29 -12.61
C GLY D 238 3.75 -18.34 -13.94
N ALA D 239 3.15 -19.06 -14.87
CA ALA D 239 3.75 -19.28 -16.20
C ALA D 239 3.93 -17.94 -16.96
N PHE D 240 2.92 -17.09 -16.93
CA PHE D 240 3.00 -15.72 -17.47
C PHE D 240 4.18 -14.95 -16.87
N LEU D 241 4.24 -14.88 -15.55
CA LEU D 241 5.35 -14.17 -14.89
C LEU D 241 6.70 -14.77 -15.25
N LEU D 242 6.76 -16.09 -15.44
CA LEU D 242 8.02 -16.68 -15.87
C LEU D 242 8.31 -16.45 -17.38
N SER D 243 7.32 -16.06 -18.18
CA SER D 243 7.52 -15.87 -19.65
C SER D 243 7.95 -14.48 -20.11
N ASP D 244 8.29 -14.39 -21.40
CA ASP D 244 8.64 -13.17 -22.09
C ASP D 244 7.45 -12.23 -22.21
N LEU D 245 6.23 -12.74 -22.11
CA LEU D 245 5.06 -11.89 -22.04
C LEU D 245 5.08 -10.93 -20.84
N ALA D 246 5.87 -11.26 -19.81
CA ALA D 246 5.95 -10.45 -18.58
C ALA D 246 7.33 -9.75 -18.43
N SER D 247 7.99 -9.50 -19.56
CA SER D 247 9.29 -8.89 -19.49
C SER D 247 9.23 -7.46 -19.00
N GLY D 248 8.05 -6.84 -19.05
CA GLY D 248 7.92 -5.49 -18.51
C GLY D 248 7.69 -5.49 -17.00
N VAL D 249 7.59 -6.69 -16.41
CA VAL D 249 7.14 -6.82 -15.05
C VAL D 249 8.17 -7.40 -14.10
N THR D 250 8.59 -6.61 -13.11
CA THR D 250 9.51 -7.04 -12.09
C THR D 250 9.22 -6.30 -10.78
N ALA D 251 9.67 -6.87 -9.65
CA ALA D 251 9.48 -6.29 -8.32
C ALA D 251 8.01 -6.36 -7.90
N GLU D 252 7.20 -7.15 -8.59
CA GLU D 252 5.79 -7.08 -8.38
C GLU D 252 5.36 -8.18 -7.43
N VAL D 253 4.42 -7.81 -6.54
CA VAL D 253 3.57 -8.78 -5.81
C VAL D 253 2.16 -8.86 -6.47
N MET D 254 1.94 -9.91 -7.27
CA MET D 254 0.70 -10.12 -7.97
C MET D 254 -0.30 -11.02 -7.20
N HIS D 255 -1.49 -10.49 -6.92
CA HIS D 255 -2.51 -11.28 -6.27
C HIS D 255 -3.21 -12.20 -7.23
N VAL D 256 -3.29 -13.48 -6.91
CA VAL D 256 -4.06 -14.45 -7.68
C VAL D 256 -4.95 -15.11 -6.66
N ASP D 257 -6.08 -14.48 -6.34
CA ASP D 257 -6.82 -14.78 -5.12
C ASP D 257 -8.32 -14.47 -5.29
N SER D 258 -8.80 -14.53 -6.54
CA SER D 258 -10.22 -14.26 -6.85
C SER D 258 -10.59 -12.83 -6.47
N GLY D 259 -9.56 -12.01 -6.24
CA GLY D 259 -9.72 -10.59 -5.89
C GLY D 259 -9.82 -10.36 -4.39
N PHE D 260 -9.73 -11.42 -3.59
CA PHE D 260 -10.03 -11.31 -2.14
C PHE D 260 -9.33 -10.15 -1.44
N ASN D 261 -8.05 -9.94 -1.74
CA ASN D 261 -7.25 -8.92 -1.06
C ASN D 261 -7.85 -7.53 -1.17
N ALA D 262 -8.66 -7.27 -2.18
CA ALA D 262 -9.06 -5.89 -2.48
C ALA D 262 -10.38 -5.48 -1.87
N VAL D 263 -10.96 -6.35 -1.03
CA VAL D 263 -12.27 -6.10 -0.41
C VAL D 263 -12.17 -6.10 1.11
N VAL D 264 -13.16 -5.52 1.78
CA VAL D 264 -13.37 -5.79 3.20
C VAL D 264 -14.57 -6.72 3.27
N GLY D 265 -14.32 -8.01 3.47
CA GLY D 265 -15.36 -9.00 3.42
C GLY D 265 -16.04 -9.10 4.75
N GLY D 266 -17.25 -9.65 4.73
CA GLY D 266 -18.00 -10.01 5.94
C GLY D 266 -18.94 -9.07 6.66
N MET D 267 -19.19 -7.86 6.13
CA MET D 267 -20.02 -6.87 6.85
C MET D 267 -21.49 -6.65 6.39
#